data_3FVD
#
_entry.id   3FVD
#
_cell.length_a   126.518
_cell.length_b   126.518
_cell.length_c   97.294
_cell.angle_alpha   90.000
_cell.angle_beta   90.000
_cell.angle_gamma   90.000
#
_symmetry.space_group_name_H-M   'P 4 21 2'
#
loop_
_entity.id
_entity.type
_entity.pdbx_description
1 polymer 'Mandelate racemase/muconate lactonizing enzyme'
2 non-polymer 'MAGNESIUM ION'
3 water water
#
_entity_poly.entity_id   1
_entity_poly.type   'polypeptide(L)'
_entity_poly.pdbx_seq_one_letter_code
;MSLRITRLTVFHLDLPLAKPYWLSGGRLKFDRLDSTYLRIDTDEGVTGWGEGCPWGHSYLPAHGPGLRAGIATLAPHLLG
LDPRSLDHVNRVMDLQLPGHSYVKSPIDMACWDILGQVAGLPLWQLLGGEAATPVPINSSISTGTPDQMLGLIAEAAAQG
YRTHSAKIGGSDPAQDIARIEAISAGLPDGHRVTFDVNRAWTPAIAVEVLNSVRARDWIEQPCQTLDQCAHVARRVANPI
MLDECLHEFSDHLAAWSRGACEGVKIKPNRVGGLTRARQIRDFGVSVGWQMHIEDVGGTALADTAALHLAASTPEANRLA
SWLGHAHLADDPIPGQGARNRDGLATPPSAPGLGVIPDPEALGRPVASYDEGHHHHHH
;
_entity_poly.pdbx_strand_id   B,A
#
loop_
_chem_comp.id
_chem_comp.type
_chem_comp.name
_chem_comp.formula
MG non-polymer 'MAGNESIUM ION' 'Mg 2'
#
# COMPACT_ATOMS: atom_id res chain seq x y z
N SER A 2 30.11 8.87 10.66
CA SER A 2 30.34 8.78 12.17
C SER A 2 29.08 8.56 13.07
N LEU A 3 28.20 9.56 13.25
CA LEU A 3 26.88 9.32 13.91
C LEU A 3 26.18 8.11 13.32
N ARG A 4 25.55 7.36 14.22
CA ARG A 4 25.06 6.04 14.02
C ARG A 4 23.83 5.88 14.91
N ILE A 5 22.76 5.31 14.33
CA ILE A 5 21.58 4.88 15.08
C ILE A 5 21.98 3.69 15.93
N THR A 6 21.53 3.72 17.16
CA THR A 6 22.06 2.87 18.19
C THR A 6 20.94 2.06 18.82
N ARG A 7 19.73 2.60 18.78
CA ARG A 7 18.61 1.95 19.41
C ARG A 7 17.35 2.59 18.86
N LEU A 8 16.32 1.78 18.72
CA LEU A 8 15.00 2.24 18.38
C LEU A 8 14.05 1.73 19.47
N THR A 9 13.23 2.62 20.02
CA THR A 9 12.27 2.20 21.03
C THR A 9 10.86 2.58 20.62
N VAL A 10 9.92 1.65 20.79
CA VAL A 10 8.57 1.81 20.27
C VAL A 10 7.61 1.93 21.42
N PHE A 11 6.74 2.92 21.36
CA PHE A 11 5.67 3.08 22.37
C PHE A 11 4.32 3.07 21.71
N HIS A 12 3.36 2.48 22.39
CA HIS A 12 2.02 2.38 21.89
C HIS A 12 1.16 3.19 22.85
N LEU A 13 0.50 4.22 22.32
CA LEU A 13 -0.32 5.11 23.14
C LEU A 13 -1.74 4.91 22.70
N ASP A 14 -2.61 4.69 23.68
CA ASP A 14 -4.03 4.52 23.51
C ASP A 14 -4.67 5.87 23.72
N LEU A 15 -5.04 6.58 22.66
CA LEU A 15 -5.49 7.97 22.79
C LEU A 15 -7.00 8.08 22.72
N PRO A 16 -7.65 8.47 23.84
CA PRO A 16 -9.12 8.57 23.68
C PRO A 16 -9.49 9.84 22.91
N LEU A 17 -10.51 9.72 22.08
CA LEU A 17 -11.05 10.86 21.37
C LEU A 17 -11.98 11.66 22.32
N ALA A 18 -12.13 12.96 22.04
CA ALA A 18 -13.02 13.85 22.78
C ALA A 18 -14.46 13.52 22.44
N LYS A 19 -14.70 13.22 21.17
CA LYS A 19 -16.01 12.93 20.61
C LYS A 19 -16.08 11.56 19.95
N PRO A 20 -16.36 10.50 20.73
CA PRO A 20 -16.64 9.27 20.01
C PRO A 20 -17.74 9.51 18.99
N TYR A 21 -17.71 8.79 17.87
CA TYR A 21 -18.88 8.75 16.99
C TYR A 21 -19.22 7.29 16.69
N TRP A 22 -20.49 7.04 16.38
CA TRP A 22 -20.97 5.67 16.27
C TRP A 22 -20.97 5.23 14.79
N LEU A 23 -20.71 3.92 14.58
CA LEU A 23 -20.53 3.34 13.24
C LEU A 23 -21.47 2.17 12.95
N SER A 24 -21.76 1.96 11.66
CA SER A 24 -22.63 0.87 11.20
C SER A 24 -21.79 -0.34 10.73
N LEU A 28 -19.68 -1.04 16.65
CA LEU A 28 -18.55 -0.09 16.60
C LEU A 28 -18.83 1.27 17.30
N LYS A 29 -18.06 1.51 18.35
CA LYS A 29 -17.91 2.86 18.87
C LYS A 29 -16.48 3.24 18.45
N PHE A 30 -16.32 4.22 17.57
CA PHE A 30 -14.98 4.74 17.28
C PHE A 30 -14.52 5.76 18.35
N ASP A 31 -13.59 5.29 19.18
CA ASP A 31 -13.42 5.64 20.57
C ASP A 31 -12.09 6.34 20.78
N ARG A 32 -11.08 5.73 20.19
CA ARG A 32 -9.70 6.00 20.52
C ARG A 32 -8.76 5.81 19.34
N LEU A 33 -7.64 6.50 19.37
CA LEU A 33 -6.66 6.34 18.33
C LEU A 33 -5.56 5.44 18.84
N ASP A 34 -4.97 4.65 17.93
CA ASP A 34 -3.76 3.85 18.25
C ASP A 34 -2.54 4.56 17.67
N SER A 35 -1.74 5.16 18.54
CA SER A 35 -0.64 5.99 18.10
C SER A 35 0.66 5.31 18.49
N THR A 36 1.68 5.42 17.63
CA THR A 36 2.97 4.92 17.90
C THR A 36 3.93 6.08 18.03
N TYR A 37 4.65 6.13 19.17
CA TYR A 37 5.80 7.02 19.32
C TYR A 37 7.07 6.19 19.12
N LEU A 38 8.03 6.72 18.37
CA LEU A 38 9.28 6.02 18.15
C LEU A 38 10.38 6.89 18.68
N ARG A 39 11.30 6.29 19.43
CA ARG A 39 12.48 7.05 19.86
C ARG A 39 13.69 6.44 19.18
N ILE A 40 14.45 7.28 18.50
CA ILE A 40 15.74 6.87 17.93
C ILE A 40 16.92 7.50 18.68
N ASP A 41 17.76 6.65 19.29
CA ASP A 41 19.01 7.09 19.92
C ASP A 41 20.20 6.96 18.98
N THR A 42 21.23 7.77 19.18
CA THR A 42 22.46 7.57 18.44
C THR A 42 23.65 7.46 19.37
N ASP A 43 24.83 7.14 18.83
CA ASP A 43 26.05 6.90 19.62
C ASP A 43 26.59 8.15 20.27
N GLU A 44 26.15 9.33 19.82
CA GLU A 44 26.62 10.57 20.39
C GLU A 44 25.56 11.18 21.30
N GLY A 45 24.55 10.38 21.67
CA GLY A 45 23.53 10.83 22.62
C GLY A 45 22.54 11.83 22.05
N VAL A 46 22.44 11.94 20.72
CA VAL A 46 21.35 12.74 20.17
C VAL A 46 20.20 11.86 19.79
N THR A 47 19.07 12.19 20.38
CA THR A 47 17.89 11.38 20.33
C THR A 47 16.78 12.15 19.59
N GLY A 48 16.06 11.46 18.73
CA GLY A 48 15.01 12.09 17.94
C GLY A 48 13.76 11.30 18.18
N TRP A 49 12.59 11.95 18.03
CA TRP A 49 11.31 11.30 18.28
C TRP A 49 10.37 11.49 17.08
N GLY A 50 9.49 10.53 16.85
CA GLY A 50 8.53 10.64 15.73
C GLY A 50 7.24 9.95 16.10
N GLU A 51 6.17 10.30 15.43
CA GLU A 51 4.88 9.73 15.76
C GLU A 51 4.17 9.29 14.50
N GLY A 52 3.46 8.19 14.58
CA GLY A 52 2.63 7.75 13.46
C GLY A 52 1.31 7.33 14.05
N CYS A 53 0.26 8.06 13.67
CA CYS A 53 -1.05 7.77 14.25
C CYS A 53 -2.18 7.72 13.19
N PRO A 54 -2.35 6.56 12.51
CA PRO A 54 -3.45 6.44 11.56
C PRO A 54 -4.80 6.83 12.19
N TRP A 55 -5.71 7.39 11.39
CA TRP A 55 -7.06 7.70 11.83
C TRP A 55 -7.82 6.39 11.84
N GLY A 56 -7.69 5.62 12.93
CA GLY A 56 -8.19 4.25 12.94
C GLY A 56 -7.56 3.44 11.79
N HIS A 57 -8.18 2.32 11.41
CA HIS A 57 -7.56 1.40 10.47
C HIS A 57 -8.35 1.32 9.17
N SER A 58 -9.37 2.20 9.02
CA SER A 58 -10.20 2.16 7.83
CA SER A 58 -10.27 2.20 7.88
C SER A 58 -10.11 3.44 7.04
N TYR A 59 -9.25 4.33 7.44
CA TYR A 59 -9.28 5.61 6.75
C TYR A 59 -8.32 5.53 5.54
N LEU A 60 -7.12 5.00 5.77
CA LEU A 60 -6.09 4.86 4.75
C LEU A 60 -5.44 3.48 4.93
N PRO A 61 -4.50 3.10 4.01
CA PRO A 61 -3.85 1.80 4.21
C PRO A 61 -2.84 1.92 5.28
N ALA A 62 -3.31 1.77 6.53
CA ALA A 62 -2.53 2.05 7.70
C ALA A 62 -3.30 1.61 8.95
N HIS A 63 -2.59 1.07 9.92
CA HIS A 63 -3.24 0.64 11.16
C HIS A 63 -2.12 0.48 12.17
N GLY A 64 -2.46 0.62 13.45
CA GLY A 64 -1.44 0.64 14.49
C GLY A 64 -0.62 -0.63 14.56
N PRO A 65 -1.29 -1.76 14.59
CA PRO A 65 -0.51 -2.99 14.74
C PRO A 65 0.42 -3.25 13.53
N GLY A 66 0.03 -2.74 12.37
CA GLY A 66 0.82 -2.89 11.17
C GLY A 66 2.00 -1.97 11.25
N LEU A 67 1.85 -0.90 12.01
CA LEU A 67 2.90 0.08 12.03
C LEU A 67 4.05 -0.44 12.91
N ARG A 68 3.69 -1.00 14.05
CA ARG A 68 4.64 -1.61 14.92
C ARG A 68 5.30 -2.85 14.31
N ALA A 69 4.59 -3.59 13.47
CA ALA A 69 5.15 -4.72 12.69
C ALA A 69 6.18 -4.24 11.64
N GLY A 70 5.86 -3.13 10.99
CA GLY A 70 6.76 -2.53 10.04
C GLY A 70 8.05 -2.05 10.67
N ILE A 71 7.98 -1.47 11.88
CA ILE A 71 9.19 -0.99 12.53
C ILE A 71 10.10 -2.19 12.86
N ALA A 72 9.49 -3.28 13.33
CA ALA A 72 10.17 -4.55 13.60
C ALA A 72 10.91 -5.01 12.36
N THR A 73 10.24 -4.99 11.19
CA THR A 73 10.88 -5.41 9.95
C THR A 73 12.05 -4.51 9.54
N LEU A 74 11.90 -3.22 9.72
CA LEU A 74 12.95 -2.26 9.34
C LEU A 74 14.10 -2.10 10.35
N ALA A 75 13.85 -2.35 11.63
CA ALA A 75 14.82 -2.04 12.70
C ALA A 75 16.22 -2.57 12.39
N PRO A 76 16.34 -3.87 12.09
CA PRO A 76 17.70 -4.40 11.86
C PRO A 76 18.42 -3.58 10.79
N HIS A 77 17.65 -3.03 9.85
CA HIS A 77 18.22 -2.31 8.73
C HIS A 77 18.54 -0.84 9.00
N LEU A 78 17.91 -0.25 10.01
CA LEU A 78 18.13 1.16 10.38
C LEU A 78 19.26 1.32 11.38
N LEU A 79 19.41 0.30 12.24
CA LEU A 79 20.47 0.23 13.22
C LEU A 79 21.78 0.42 12.45
N GLY A 80 22.59 1.39 12.87
CA GLY A 80 23.85 1.58 12.14
C GLY A 80 23.85 2.70 11.12
N LEU A 81 22.66 3.18 10.72
CA LEU A 81 22.60 4.25 9.70
C LEU A 81 22.97 5.61 10.28
N ASP A 82 23.55 6.46 9.44
CA ASP A 82 23.75 7.86 9.80
C ASP A 82 22.38 8.62 9.55
N PRO A 83 21.72 9.05 10.62
CA PRO A 83 20.39 9.65 10.50
C PRO A 83 20.45 11.08 9.97
N ARG A 84 21.64 11.65 9.83
CA ARG A 84 21.79 12.94 9.18
C ARG A 84 21.58 12.89 7.65
N SER A 85 21.77 11.71 7.05
CA SER A 85 21.66 11.54 5.60
C SER A 85 20.20 11.15 5.25
N LEU A 86 19.29 12.10 5.25
CA LEU A 86 17.85 11.73 5.25
C LEU A 86 17.42 10.94 3.99
N ASP A 87 17.86 11.38 2.82
CA ASP A 87 17.45 10.76 1.59
C ASP A 87 17.91 9.34 1.63
N HIS A 88 19.14 9.13 2.08
CA HIS A 88 19.68 7.79 2.18
C HIS A 88 18.86 6.88 3.09
N VAL A 89 18.47 7.37 4.25
CA VAL A 89 17.68 6.57 5.17
C VAL A 89 16.34 6.20 4.49
N ASN A 90 15.77 7.15 3.75
CA ASN A 90 14.54 6.89 3.00
C ASN A 90 14.71 5.82 1.94
N ARG A 91 15.82 5.83 1.24
CA ARG A 91 16.10 4.81 0.27
C ARG A 91 16.23 3.43 0.90
N VAL A 92 16.88 3.36 2.07
CA VAL A 92 17.03 2.08 2.76
C VAL A 92 15.65 1.57 3.13
N MET A 93 14.84 2.44 3.75
CA MET A 93 13.50 1.99 4.15
C MET A 93 12.79 1.57 2.84
N ASP A 94 13.03 2.24 1.73
CA ASP A 94 12.27 1.84 0.53
C ASP A 94 12.73 0.53 -0.07
N LEU A 95 14.01 0.25 0.09
CA LEU A 95 14.59 -1.02 -0.37
C LEU A 95 14.07 -2.12 0.52
N GLN A 96 14.05 -1.88 1.83
CA GLN A 96 13.76 -2.93 2.78
C GLN A 96 12.26 -3.24 3.08
N LEU A 97 11.34 -2.30 2.77
CA LEU A 97 9.91 -2.54 2.91
C LEU A 97 9.21 -1.59 1.93
N PRO A 98 8.91 -2.08 0.71
CA PRO A 98 8.22 -1.15 -0.16
C PRO A 98 6.85 -0.72 0.43
N GLY A 99 6.33 0.45 0.00
CA GLY A 99 5.03 0.95 0.41
C GLY A 99 5.02 1.25 1.92
N HIS A 100 3.94 0.90 2.61
CA HIS A 100 3.91 1.11 4.04
C HIS A 100 4.36 2.50 4.47
N SER A 101 3.80 3.53 3.85
CA SER A 101 4.24 4.89 4.14
CA SER A 101 4.22 4.89 4.15
C SER A 101 3.96 5.22 5.58
N TYR A 102 2.90 4.66 6.11
CA TYR A 102 2.52 4.94 7.50
C TYR A 102 3.58 4.42 8.47
N VAL A 103 4.30 3.37 8.07
CA VAL A 103 5.44 2.88 8.85
C VAL A 103 6.62 3.85 8.77
N LYS A 104 6.88 4.37 7.59
CA LYS A 104 8.10 5.14 7.39
C LYS A 104 8.08 6.57 7.97
N SER A 105 6.89 7.12 8.14
CA SER A 105 6.78 8.50 8.48
C SER A 105 7.36 8.78 9.88
N PRO A 106 7.01 7.99 10.92
CA PRO A 106 7.67 8.29 12.19
C PRO A 106 9.19 8.10 12.18
N ILE A 107 9.70 7.17 11.37
CA ILE A 107 11.16 6.99 11.38
C ILE A 107 11.83 8.20 10.79
N ASP A 108 11.32 8.67 9.66
CA ASP A 108 11.85 9.86 8.99
C ASP A 108 11.74 11.14 9.85
N MET A 109 10.62 11.26 10.56
CA MET A 109 10.37 12.39 11.43
C MET A 109 11.46 12.41 12.52
N ALA A 110 11.75 11.25 13.13
CA ALA A 110 12.80 11.19 14.16
C ALA A 110 14.18 11.51 13.60
N CYS A 111 14.49 11.11 12.36
CA CYS A 111 15.77 11.47 11.81
C CYS A 111 15.86 12.97 11.58
N TRP A 112 14.76 13.58 11.12
CA TRP A 112 14.75 15.03 10.89
C TRP A 112 15.00 15.78 12.21
N ASP A 113 14.42 15.27 13.29
CA ASP A 113 14.65 15.80 14.65
C ASP A 113 16.13 15.77 14.94
N ILE A 114 16.76 14.63 14.71
CA ILE A 114 18.16 14.45 14.98
C ILE A 114 18.96 15.40 14.14
N LEU A 115 18.63 15.45 12.87
CA LEU A 115 19.37 16.36 11.96
C LEU A 115 19.26 17.81 12.44
N GLY A 116 18.07 18.23 12.85
CA GLY A 116 17.88 19.61 13.26
C GLY A 116 18.76 19.86 14.48
N GLN A 117 18.73 18.98 15.46
CA GLN A 117 19.54 19.19 16.67
C GLN A 117 21.06 19.24 16.41
N VAL A 118 21.52 18.43 15.47
CA VAL A 118 22.94 18.42 15.08
C VAL A 118 23.25 19.75 14.38
N ALA A 119 22.32 20.23 13.57
CA ALA A 119 22.55 21.47 12.88
C ALA A 119 22.32 22.71 13.77
N GLY A 120 21.65 22.52 14.91
CA GLY A 120 21.20 23.63 15.77
C GLY A 120 20.13 24.52 15.12
N LEU A 121 19.27 23.93 14.28
CA LEU A 121 18.18 24.69 13.61
C LEU A 121 16.81 24.03 13.74
N PRO A 122 15.74 24.86 13.83
CA PRO A 122 14.35 24.32 13.85
C PRO A 122 14.01 23.73 12.49
N LEU A 123 13.14 22.72 12.45
CA LEU A 123 12.72 22.10 11.18
C LEU A 123 12.23 23.08 10.15
N TRP A 124 11.40 24.05 10.57
CA TRP A 124 10.93 25.04 9.60
C TRP A 124 12.09 25.76 8.88
N GLN A 125 13.26 25.87 9.52
CA GLN A 125 14.32 26.54 8.83
C GLN A 125 15.05 25.62 7.85
N LEU A 126 15.23 24.36 8.25
CA LEU A 126 15.85 23.37 7.37
C LEU A 126 14.93 23.15 6.20
N LEU A 127 13.63 23.34 6.42
CA LEU A 127 12.68 23.28 5.35
C LEU A 127 12.59 24.55 4.56
N GLY A 128 13.47 25.48 4.80
CA GLY A 128 13.53 26.64 3.95
C GLY A 128 12.77 27.88 4.38
N GLY A 129 12.05 27.83 5.50
CA GLY A 129 11.19 28.96 5.88
C GLY A 129 11.98 30.15 6.43
N GLU A 130 11.52 31.37 6.14
CA GLU A 130 12.18 32.56 6.75
C GLU A 130 11.94 32.75 8.23
N ALA A 131 10.79 32.27 8.74
CA ALA A 131 10.44 32.50 10.14
C ALA A 131 9.42 31.51 10.62
N ALA A 132 9.26 31.44 11.92
CA ALA A 132 8.23 30.59 12.53
C ALA A 132 6.84 31.20 12.29
N THR A 133 6.35 31.08 11.08
CA THR A 133 5.12 31.78 10.69
C THR A 133 3.94 31.16 11.43
N PRO A 134 3.16 31.99 12.16
CA PRO A 134 1.92 31.46 12.69
C PRO A 134 1.02 30.98 11.54
N VAL A 135 0.57 29.72 11.61
CA VAL A 135 -0.24 29.09 10.56
C VAL A 135 -1.70 29.04 10.97
N PRO A 136 -2.64 29.54 10.12
CA PRO A 136 -4.07 29.42 10.47
C PRO A 136 -4.52 27.97 10.59
N ILE A 137 -5.41 27.71 11.55
CA ILE A 137 -5.92 26.39 11.84
C ILE A 137 -7.38 26.35 11.37
N ASN A 138 -7.84 25.25 10.77
CA ASN A 138 -9.29 25.16 10.44
C ASN A 138 -10.16 24.37 11.41
N SER A 139 -11.45 24.66 11.40
CA SER A 139 -12.42 23.87 12.18
C SER A 139 -12.85 22.60 11.48
N SER A 140 -13.37 21.64 12.25
CA SER A 140 -14.05 20.46 11.72
C SER A 140 -15.53 20.61 12.03
N ILE A 141 -16.35 20.72 10.98
CA ILE A 141 -17.78 20.91 11.13
C ILE A 141 -18.52 19.62 10.75
N SER A 142 -18.96 18.86 11.74
CA SER A 142 -19.64 17.54 11.55
C SER A 142 -20.92 17.60 10.71
N THR A 143 -21.23 16.51 10.02
CA THR A 143 -22.43 16.42 9.15
C THR A 143 -23.75 16.53 9.90
N GLY A 144 -24.71 17.23 9.33
CA GLY A 144 -26.00 17.46 9.97
C GLY A 144 -26.87 18.26 9.02
N THR A 145 -27.89 18.92 9.54
CA THR A 145 -28.76 19.68 8.64
C THR A 145 -28.10 20.99 8.23
N PRO A 146 -28.64 21.66 7.19
CA PRO A 146 -28.26 23.05 6.95
C PRO A 146 -28.20 23.90 8.27
N ASP A 147 -29.27 23.91 9.06
CA ASP A 147 -29.32 24.77 10.26
C ASP A 147 -28.33 24.40 11.39
N GLN A 148 -28.06 23.10 11.57
CA GLN A 148 -27.05 22.63 12.54
C GLN A 148 -25.65 23.14 12.19
N MET A 149 -25.16 22.74 11.01
CA MET A 149 -23.79 23.00 10.58
C MET A 149 -23.51 24.48 10.65
N LEU A 150 -24.52 25.28 10.31
CA LEU A 150 -24.38 26.72 10.29
C LEU A 150 -24.23 27.28 11.74
N GLY A 151 -24.92 26.62 12.69
CA GLY A 151 -24.79 26.91 14.12
C GLY A 151 -23.46 26.39 14.66
N LEU A 152 -23.00 25.24 14.14
CA LEU A 152 -21.65 24.75 14.51
C LEU A 152 -20.49 25.65 14.07
N ILE A 153 -20.78 26.51 13.10
CA ILE A 153 -19.81 27.40 12.47
C ILE A 153 -19.72 28.73 13.23
N ALA A 154 -20.87 29.36 13.52
CA ALA A 154 -20.92 30.50 14.50
C ALA A 154 -20.14 30.17 15.80
N GLU A 155 -20.25 28.91 16.23
CA GLU A 155 -19.54 28.40 17.38
C GLU A 155 -18.05 28.32 17.13
N ALA A 156 -17.66 27.60 16.09
CA ALA A 156 -16.30 27.64 15.56
C ALA A 156 -15.73 29.06 15.50
N ALA A 157 -16.46 29.96 14.86
CA ALA A 157 -16.04 31.34 14.71
C ALA A 157 -15.74 32.08 16.04
N ALA A 158 -16.52 31.76 17.07
CA ALA A 158 -16.33 32.36 18.39
C ALA A 158 -15.05 31.83 19.03
N GLN A 159 -14.56 30.68 18.59
CA GLN A 159 -13.28 30.14 19.09
C GLN A 159 -12.04 30.61 18.28
N GLY A 160 -12.26 31.42 17.24
CA GLY A 160 -11.14 32.01 16.47
C GLY A 160 -10.82 31.38 15.12
N TYR A 161 -11.60 30.36 14.76
CA TYR A 161 -11.50 29.74 13.45
C TYR A 161 -12.03 30.61 12.29
N ARG A 162 -11.22 30.76 11.25
CA ARG A 162 -11.67 31.49 10.06
C ARG A 162 -11.75 30.61 8.83
N THR A 163 -11.35 29.37 8.96
CA THR A 163 -11.46 28.43 7.86
C THR A 163 -12.14 27.20 8.45
N HIS A 164 -13.02 26.60 7.69
CA HIS A 164 -13.82 25.54 8.20
C HIS A 164 -13.94 24.45 7.17
N SER A 165 -13.77 23.23 7.64
CA SER A 165 -13.91 22.07 6.83
C SER A 165 -15.30 21.45 7.12
N ALA A 166 -16.26 21.67 6.23
CA ALA A 166 -17.61 21.11 6.37
C ALA A 166 -17.75 19.67 5.77
N LYS A 167 -17.90 18.67 6.61
CA LYS A 167 -17.99 17.26 6.16
C LYS A 167 -19.38 16.98 5.58
N ILE A 168 -19.43 16.72 4.28
CA ILE A 168 -20.71 16.42 3.62
C ILE A 168 -20.49 15.06 2.98
N GLY A 169 -21.40 14.61 2.12
CA GLY A 169 -21.24 13.27 1.52
C GLY A 169 -22.33 12.30 1.95
N GLY A 170 -22.43 11.19 1.24
CA GLY A 170 -23.62 10.34 1.31
C GLY A 170 -24.32 10.35 -0.05
N SER A 171 -25.21 9.39 -0.29
CA SER A 171 -25.77 9.14 -1.64
C SER A 171 -27.14 9.79 -1.93
N ASP A 172 -27.51 10.79 -1.12
CA ASP A 172 -28.70 11.62 -1.30
C ASP A 172 -28.31 13.07 -1.71
N PRO A 173 -28.29 13.35 -3.04
CA PRO A 173 -27.87 14.62 -3.64
C PRO A 173 -28.57 15.79 -3.01
N ALA A 174 -29.89 15.65 -2.86
CA ALA A 174 -30.80 16.69 -2.36
C ALA A 174 -30.34 17.39 -1.06
N GLN A 175 -29.83 16.65 -0.09
CA GLN A 175 -29.42 17.29 1.17
C GLN A 175 -27.98 17.79 1.19
N ASP A 176 -27.08 17.08 0.50
CA ASP A 176 -25.78 17.66 0.10
C ASP A 176 -25.93 18.99 -0.61
N ILE A 177 -26.86 19.11 -1.53
CA ILE A 177 -27.16 20.37 -2.18
C ILE A 177 -27.58 21.43 -1.17
N ALA A 178 -28.48 21.05 -0.25
CA ALA A 178 -29.04 21.99 0.77
C ALA A 178 -27.97 22.51 1.74
N ARG A 179 -27.16 21.56 2.25
CA ARG A 179 -25.95 21.85 3.04
C ARG A 179 -25.00 22.82 2.35
N ILE A 180 -24.62 22.52 1.11
CA ILE A 180 -23.67 23.37 0.45
C ILE A 180 -24.22 24.77 0.30
N GLU A 181 -25.43 24.91 -0.20
CA GLU A 181 -25.96 26.25 -0.52
C GLU A 181 -26.13 27.00 0.82
N ALA A 182 -26.65 26.35 1.84
CA ALA A 182 -26.84 26.99 3.15
C ALA A 182 -25.51 27.54 3.73
N ILE A 183 -24.56 26.62 4.00
CA ILE A 183 -23.24 26.93 4.51
C ILE A 183 -22.53 27.96 3.62
N SER A 184 -22.56 27.78 2.32
CA SER A 184 -21.74 28.69 1.51
C SER A 184 -22.30 30.13 1.58
N ALA A 185 -23.62 30.24 1.72
CA ALA A 185 -24.33 31.54 1.70
C ALA A 185 -24.17 32.32 2.99
N GLY A 186 -24.17 31.59 4.11
CA GLY A 186 -24.13 32.19 5.44
C GLY A 186 -22.82 31.98 6.19
N LEU A 187 -21.69 32.31 5.55
CA LEU A 187 -20.43 32.40 6.27
C LEU A 187 -20.21 33.79 6.80
N PRO A 188 -19.59 33.89 7.99
CA PRO A 188 -19.13 35.20 8.44
C PRO A 188 -18.28 35.83 7.36
N ASP A 189 -18.22 37.16 7.28
CA ASP A 189 -17.38 37.81 6.26
C ASP A 189 -15.96 37.39 6.52
N GLY A 190 -15.16 37.24 5.47
CA GLY A 190 -13.75 36.95 5.63
C GLY A 190 -13.46 35.50 5.95
N HIS A 191 -14.49 34.75 6.35
CA HIS A 191 -14.32 33.32 6.62
C HIS A 191 -14.26 32.46 5.31
N ARG A 192 -13.78 31.23 5.42
CA ARG A 192 -13.66 30.34 4.25
C ARG A 192 -14.11 28.97 4.64
N VAL A 193 -14.70 28.23 3.69
CA VAL A 193 -15.08 26.83 3.92
C VAL A 193 -14.53 25.95 2.83
N THR A 194 -14.22 24.69 3.17
CA THR A 194 -14.00 23.62 2.23
C THR A 194 -15.01 22.54 2.50
N PHE A 195 -15.61 21.99 1.44
CA PHE A 195 -16.56 20.89 1.56
C PHE A 195 -15.81 19.62 1.42
N ASP A 196 -15.53 18.98 2.55
CA ASP A 196 -14.86 17.67 2.57
C ASP A 196 -15.86 16.52 2.38
N VAL A 197 -15.82 15.86 1.22
CA VAL A 197 -16.75 14.80 0.86
C VAL A 197 -16.19 13.46 1.29
N ASN A 198 -14.88 13.39 1.40
CA ASN A 198 -14.24 12.17 1.79
C ASN A 198 -14.54 10.89 0.99
N ARG A 199 -14.46 11.00 -0.33
CA ARG A 199 -14.63 9.88 -1.20
C ARG A 199 -16.06 9.31 -1.17
N ALA A 200 -16.98 9.98 -0.50
CA ALA A 200 -18.34 9.46 -0.42
C ALA A 200 -19.18 9.61 -1.71
N TRP A 201 -18.73 10.34 -2.73
CA TRP A 201 -19.60 10.46 -3.90
C TRP A 201 -19.15 9.46 -4.99
N THR A 202 -20.10 8.95 -5.73
CA THR A 202 -19.83 8.45 -7.02
C THR A 202 -19.77 9.67 -7.97
N PRO A 203 -19.19 9.47 -9.16
CA PRO A 203 -19.12 10.56 -10.11
C PRO A 203 -20.47 11.08 -10.55
N ALA A 204 -21.46 10.21 -10.78
CA ALA A 204 -22.84 10.68 -11.04
C ALA A 204 -23.40 11.69 -9.96
N ILE A 205 -23.24 11.36 -8.69
CA ILE A 205 -23.76 12.20 -7.62
C ILE A 205 -22.97 13.48 -7.53
N ALA A 206 -21.64 13.39 -7.67
CA ALA A 206 -20.80 14.60 -7.74
C ALA A 206 -21.20 15.57 -8.83
N VAL A 207 -21.42 15.06 -10.03
CA VAL A 207 -21.79 15.90 -11.11
C VAL A 207 -23.19 16.53 -10.86
N GLU A 208 -24.18 15.72 -10.44
CA GLU A 208 -25.50 16.24 -10.09
C GLU A 208 -25.45 17.34 -9.00
N VAL A 209 -24.78 17.11 -7.89
CA VAL A 209 -24.77 18.13 -6.88
C VAL A 209 -24.00 19.40 -7.24
N LEU A 210 -22.77 19.27 -7.73
CA LEU A 210 -21.99 20.41 -8.04
C LEU A 210 -22.53 21.21 -9.17
N ASN A 211 -23.18 20.56 -10.11
CA ASN A 211 -23.81 21.34 -11.16
C ASN A 211 -25.21 21.86 -10.84
N SER A 212 -25.65 21.64 -9.61
CA SER A 212 -26.95 22.13 -9.12
C SER A 212 -26.86 23.37 -8.20
N VAL A 213 -25.64 23.76 -7.84
CA VAL A 213 -25.33 24.63 -6.70
C VAL A 213 -24.59 25.84 -7.27
N ARG A 214 -24.74 27.04 -6.71
CA ARG A 214 -24.03 28.22 -7.17
C ARG A 214 -22.71 28.39 -6.43
N ALA A 215 -22.58 27.71 -5.31
CA ALA A 215 -21.40 27.82 -4.49
C ALA A 215 -20.09 27.40 -5.27
N ARG A 216 -19.04 28.18 -5.12
CA ARG A 216 -17.78 27.87 -5.80
C ARG A 216 -16.67 27.65 -4.82
N ASP A 217 -17.00 27.20 -3.64
CA ASP A 217 -15.97 26.86 -2.69
C ASP A 217 -15.24 25.56 -3.07
N TRP A 218 -14.08 25.36 -2.47
CA TRP A 218 -13.37 24.11 -2.65
C TRP A 218 -14.22 22.90 -2.31
N ILE A 219 -14.10 21.88 -3.18
CA ILE A 219 -14.61 20.54 -2.90
C ILE A 219 -13.41 19.60 -2.73
N GLU A 220 -13.37 18.90 -1.60
CA GLU A 220 -12.19 18.06 -1.32
C GLU A 220 -12.49 16.59 -1.60
N GLN A 221 -11.68 15.97 -2.44
CA GLN A 221 -11.80 14.53 -2.74
C GLN A 221 -13.27 14.04 -2.88
N PRO A 222 -13.99 14.46 -3.95
CA PRO A 222 -15.39 14.01 -4.07
C PRO A 222 -15.51 12.47 -4.20
N CYS A 223 -14.56 11.88 -4.93
CA CYS A 223 -14.67 10.46 -5.27
C CYS A 223 -13.52 9.63 -4.75
N GLN A 224 -13.63 8.32 -4.90
CA GLN A 224 -12.66 7.41 -4.35
C GLN A 224 -11.26 7.41 -5.04
N THR A 225 -11.22 7.61 -6.34
CA THR A 225 -9.96 7.55 -7.10
C THR A 225 -9.64 8.86 -7.86
N LEU A 226 -8.39 8.98 -8.26
CA LEU A 226 -7.91 10.08 -9.00
C LEU A 226 -8.60 10.14 -10.31
N ASP A 227 -8.79 9.00 -10.95
CA ASP A 227 -9.42 8.96 -12.23
C ASP A 227 -10.89 9.44 -12.20
N GLN A 228 -11.62 9.07 -11.14
CA GLN A 228 -12.99 9.53 -10.93
C GLN A 228 -13.03 11.00 -10.65
N CYS A 229 -12.10 11.50 -9.81
CA CYS A 229 -12.09 12.94 -9.44
C CYS A 229 -11.78 13.82 -10.68
N ALA A 230 -10.93 13.30 -11.57
CA ALA A 230 -10.49 14.07 -12.75
C ALA A 230 -11.64 14.13 -13.75
N HIS A 231 -12.42 13.07 -13.78
CA HIS A 231 -13.63 13.02 -14.60
C HIS A 231 -14.62 14.06 -14.11
N VAL A 232 -14.87 14.13 -12.81
CA VAL A 232 -15.81 15.12 -12.24
C VAL A 232 -15.33 16.55 -12.48
N ALA A 233 -14.05 16.82 -12.19
CA ALA A 233 -13.40 18.09 -12.41
C ALA A 233 -13.64 18.68 -13.78
N ARG A 234 -13.62 17.86 -14.86
CA ARG A 234 -13.83 18.37 -16.23
C ARG A 234 -15.27 18.76 -16.43
N ARG A 235 -16.15 18.24 -15.60
CA ARG A 235 -17.58 18.53 -15.81
C ARG A 235 -18.25 19.58 -14.84
N VAL A 236 -17.51 20.10 -13.86
CA VAL A 236 -18.06 21.00 -12.80
C VAL A 236 -17.18 22.26 -12.75
N ALA A 237 -17.58 23.25 -11.96
CA ALA A 237 -16.99 24.58 -12.00
C ALA A 237 -16.18 24.92 -10.77
N ASN A 238 -16.19 24.07 -9.76
CA ASN A 238 -15.53 24.32 -8.47
C ASN A 238 -14.06 23.91 -8.49
N PRO A 239 -13.24 24.58 -7.66
CA PRO A 239 -11.86 24.21 -7.37
C PRO A 239 -11.87 22.84 -6.64
N ILE A 240 -11.00 21.92 -7.06
CA ILE A 240 -10.99 20.53 -6.53
CA ILE A 240 -10.99 20.54 -6.55
C ILE A 240 -9.69 20.41 -5.77
N MET A 241 -9.75 19.83 -4.58
CA MET A 241 -8.66 19.61 -3.61
C MET A 241 -8.55 18.07 -3.58
N LEU A 242 -7.36 17.52 -3.82
CA LEU A 242 -7.15 16.08 -3.63
C LEU A 242 -6.46 15.82 -2.34
N ASP A 243 -6.66 14.62 -1.81
CA ASP A 243 -6.15 14.25 -0.52
C ASP A 243 -5.86 12.70 -0.44
N GLU A 244 -6.86 11.92 -0.11
CA GLU A 244 -6.66 10.53 0.22
C GLU A 244 -6.14 9.66 -0.94
N CYS A 245 -6.45 9.96 -2.21
CA CYS A 245 -5.95 9.11 -3.31
C CYS A 245 -4.46 9.37 -3.63
N LEU A 246 -3.82 10.31 -2.96
CA LEU A 246 -2.44 10.63 -3.29
C LEU A 246 -1.42 9.86 -2.40
N HIS A 247 -0.95 8.72 -2.81
CA HIS A 247 -0.15 7.89 -1.88
C HIS A 247 1.33 8.09 -2.00
N GLU A 248 1.74 8.64 -3.11
CA GLU A 248 3.15 8.80 -3.44
C GLU A 248 3.32 9.84 -4.52
N PHE A 249 4.57 10.20 -4.79
CA PHE A 249 4.86 11.32 -5.64
C PHE A 249 4.33 11.11 -7.06
N SER A 250 4.42 9.89 -7.56
CA SER A 250 3.86 9.67 -8.91
C SER A 250 2.35 9.95 -9.04
N ASP A 251 1.59 9.80 -7.96
CA ASP A 251 0.16 10.13 -8.01
C ASP A 251 0.00 11.63 -8.10
N HIS A 252 0.92 12.40 -7.51
CA HIS A 252 0.84 13.86 -7.61
C HIS A 252 1.13 14.31 -9.04
N LEU A 253 2.13 13.69 -9.59
CA LEU A 253 2.52 13.91 -10.98
C LEU A 253 1.40 13.57 -11.93
N ALA A 254 0.74 12.44 -11.69
CA ALA A 254 -0.45 12.05 -12.43
C ALA A 254 -1.58 13.10 -12.16
N ALA A 255 -1.79 13.49 -10.90
CA ALA A 255 -2.87 14.47 -10.69
C ALA A 255 -2.61 15.74 -11.55
N TRP A 256 -1.37 16.21 -11.51
CA TRP A 256 -0.96 17.38 -12.26
C TRP A 256 -1.16 17.23 -13.79
N SER A 257 -0.74 16.10 -14.34
CA SER A 257 -0.79 16.00 -15.79
C SER A 257 -2.20 15.80 -16.26
N ARG A 258 -3.10 15.27 -15.46
CA ARG A 258 -4.49 15.22 -15.93
C ARG A 258 -5.26 16.52 -15.66
N GLY A 259 -4.62 17.56 -15.14
CA GLY A 259 -5.39 18.69 -14.62
C GLY A 259 -6.53 18.36 -13.64
N ALA A 260 -6.33 17.41 -12.70
CA ALA A 260 -7.38 16.94 -11.85
C ALA A 260 -7.72 17.86 -10.65
N CYS A 261 -6.88 18.84 -10.36
CA CYS A 261 -7.07 19.55 -9.11
C CYS A 261 -6.35 20.89 -9.13
N GLU A 262 -6.73 21.75 -8.21
CA GLU A 262 -5.99 22.98 -8.07
C GLU A 262 -5.30 23.02 -6.72
N GLY A 263 -5.46 21.95 -5.94
CA GLY A 263 -4.68 21.89 -4.68
C GLY A 263 -4.66 20.48 -4.15
N VAL A 264 -3.81 20.24 -3.15
CA VAL A 264 -3.74 18.95 -2.49
C VAL A 264 -3.52 19.19 -1.01
N LYS A 265 -3.91 18.21 -0.18
CA LYS A 265 -3.42 18.16 1.21
C LYS A 265 -2.21 17.24 1.26
N ILE A 266 -1.26 17.61 2.09
CA ILE A 266 -0.06 16.79 2.27
C ILE A 266 -0.01 16.33 3.74
N LYS A 267 -0.04 15.01 3.96
CA LYS A 267 -0.02 14.44 5.27
C LYS A 267 1.12 13.43 5.37
N PRO A 268 2.14 13.75 6.15
CA PRO A 268 3.31 12.84 6.28
C PRO A 268 3.02 11.33 6.45
N ASN A 269 2.04 10.97 7.27
CA ASN A 269 1.76 9.59 7.48
C ASN A 269 1.20 8.91 6.22
N ARG A 270 0.57 9.69 5.32
CA ARG A 270 0.08 9.14 4.08
C ARG A 270 1.21 8.99 3.05
N VAL A 271 2.19 9.90 3.02
CA VAL A 271 3.18 9.94 1.95
C VAL A 271 4.60 9.45 2.43
N GLY A 272 4.74 9.10 3.70
CA GLY A 272 5.95 8.52 4.19
C GLY A 272 6.90 9.43 4.95
N GLY A 273 6.44 10.57 5.47
CA GLY A 273 7.36 11.41 6.23
C GLY A 273 7.57 12.78 5.67
N LEU A 274 8.52 13.49 6.27
CA LEU A 274 8.80 14.86 5.97
C LEU A 274 9.62 14.98 4.71
N THR A 275 10.51 14.04 4.48
CA THR A 275 11.37 14.09 3.30
C THR A 275 10.46 13.95 2.09
N ARG A 276 9.60 12.95 2.10
CA ARG A 276 8.70 12.81 0.98
C ARG A 276 7.67 13.96 0.90
N ALA A 277 7.23 14.46 2.07
CA ALA A 277 6.21 15.53 2.09
C ALA A 277 6.82 16.78 1.54
N ARG A 278 8.08 16.97 1.78
CA ARG A 278 8.70 18.18 1.35
C ARG A 278 8.85 18.23 -0.16
N GLN A 279 9.20 17.11 -0.76
CA GLN A 279 9.35 17.07 -2.22
C GLN A 279 8.01 17.39 -2.89
N ILE A 280 6.93 16.87 -2.34
CA ILE A 280 5.57 17.14 -2.88
C ILE A 280 5.17 18.62 -2.69
N ARG A 281 5.55 19.17 -1.52
CA ARG A 281 5.27 20.56 -1.21
C ARG A 281 5.89 21.43 -2.25
N ASP A 282 7.18 21.17 -2.47
CA ASP A 282 7.91 21.95 -3.46
C ASP A 282 7.40 21.78 -4.85
N PHE A 283 6.98 20.58 -5.20
CA PHE A 283 6.35 20.39 -6.49
C PHE A 283 5.09 21.28 -6.53
N GLY A 284 4.30 21.31 -5.46
CA GLY A 284 3.04 22.10 -5.47
C GLY A 284 3.26 23.60 -5.71
N VAL A 285 4.28 24.14 -5.07
CA VAL A 285 4.71 25.49 -5.29
C VAL A 285 5.06 25.71 -6.78
N SER A 286 5.86 24.82 -7.37
CA SER A 286 6.26 24.95 -8.81
C SER A 286 5.07 25.03 -9.74
N VAL A 287 4.00 24.28 -9.43
CA VAL A 287 2.83 24.22 -10.37
C VAL A 287 1.64 25.10 -9.91
N GLY A 288 1.82 25.82 -8.78
CA GLY A 288 0.82 26.80 -8.27
C GLY A 288 -0.37 26.20 -7.50
N TRP A 289 -0.18 25.03 -6.90
CA TRP A 289 -1.18 24.40 -6.08
C TRP A 289 -1.31 25.15 -4.74
N GLN A 290 -2.50 25.11 -4.14
CA GLN A 290 -2.70 25.59 -2.76
C GLN A 290 -2.78 24.35 -1.93
N MET A 291 -2.25 24.37 -0.71
CA MET A 291 -2.08 23.12 0.00
C MET A 291 -2.44 23.20 1.51
N HIS A 292 -3.07 22.18 2.08
CA HIS A 292 -3.24 22.05 3.53
C HIS A 292 -2.18 21.06 3.98
N ILE A 293 -1.40 21.40 4.98
CA ILE A 293 -0.33 20.54 5.42
C ILE A 293 -0.55 20.30 6.91
N GLU A 294 -0.69 19.03 7.28
CA GLU A 294 -1.24 18.59 8.55
C GLU A 294 -0.99 17.09 8.61
N ASP A 295 -1.19 16.43 9.75
CA ASP A 295 -1.03 15.03 9.73
C ASP A 295 -2.36 14.35 9.79
N VAL A 296 -2.34 13.04 9.73
CA VAL A 296 -3.54 12.21 9.62
C VAL A 296 -4.30 12.14 10.97
N GLY A 297 -3.56 12.30 12.07
CA GLY A 297 -4.09 12.03 13.40
C GLY A 297 -2.94 12.12 14.41
N GLY A 298 -3.27 12.13 15.70
CA GLY A 298 -2.22 11.96 16.69
C GLY A 298 -2.09 13.15 17.59
N THR A 299 -0.96 13.18 18.27
CA THR A 299 -0.75 14.12 19.34
C THR A 299 -0.08 15.30 18.72
N ALA A 300 0.30 16.26 19.56
CA ALA A 300 0.87 17.50 19.09
C ALA A 300 2.28 17.26 18.55
N LEU A 301 2.79 16.04 18.72
CA LEU A 301 4.05 15.65 18.13
C LEU A 301 3.93 15.51 16.59
N ALA A 302 3.09 14.62 16.09
CA ALA A 302 2.78 14.59 14.64
C ALA A 302 2.30 15.97 14.14
N ASP A 303 1.45 16.66 14.91
CA ASP A 303 1.00 17.99 14.44
C ASP A 303 2.15 19.00 14.28
N THR A 304 3.10 19.01 15.23
CA THR A 304 4.23 19.95 15.15
C THR A 304 5.13 19.64 13.92
N ALA A 305 5.31 18.37 13.64
CA ALA A 305 6.12 17.99 12.50
C ALA A 305 5.50 18.59 11.24
N ALA A 306 4.20 18.40 11.09
CA ALA A 306 3.53 18.91 9.89
C ALA A 306 3.53 20.43 9.85
N LEU A 307 3.50 21.05 11.02
CA LEU A 307 3.38 22.49 11.06
C LEU A 307 4.68 23.15 10.68
N HIS A 308 5.80 22.49 10.98
CA HIS A 308 7.06 22.98 10.45
C HIS A 308 7.03 23.06 8.93
N LEU A 309 6.40 22.09 8.25
CA LEU A 309 6.40 22.08 6.79
C LEU A 309 5.42 23.13 6.38
N ALA A 310 4.31 23.20 7.07
CA ALA A 310 3.31 24.23 6.72
C ALA A 310 3.85 25.66 6.89
N ALA A 311 4.55 25.94 8.00
CA ALA A 311 5.06 27.30 8.24
C ALA A 311 6.13 27.69 7.16
N SER A 312 6.85 26.72 6.67
CA SER A 312 7.89 27.04 5.69
C SER A 312 7.33 27.18 4.28
N THR A 313 6.02 26.95 4.11
CA THR A 313 5.43 27.05 2.79
C THR A 313 5.07 28.51 2.49
N PRO A 314 5.42 29.00 1.28
CA PRO A 314 5.10 30.39 0.85
C PRO A 314 3.61 30.62 1.00
N GLU A 315 3.29 31.84 1.43
CA GLU A 315 1.96 32.20 1.89
C GLU A 315 0.95 32.04 0.76
N ALA A 316 1.33 32.36 -0.47
CA ALA A 316 0.42 32.14 -1.63
C ALA A 316 -0.09 30.70 -1.75
N ASN A 317 0.70 29.72 -1.33
CA ASN A 317 0.31 28.35 -1.57
C ASN A 317 -0.23 27.70 -0.31
N ARG A 318 -0.19 28.42 0.82
CA ARG A 318 -0.44 27.76 2.10
C ARG A 318 -1.86 28.02 2.61
N LEU A 319 -2.66 27.00 2.81
CA LEU A 319 -3.99 27.19 3.39
C LEU A 319 -3.92 26.74 4.86
N ALA A 320 -5.05 26.68 5.53
CA ALA A 320 -5.09 26.28 6.93
C ALA A 320 -4.67 24.84 7.20
N SER A 321 -4.11 24.59 8.39
CA SER A 321 -3.80 23.25 8.83
C SER A 321 -4.84 22.75 9.83
N TRP A 322 -5.05 21.44 9.87
CA TRP A 322 -5.87 20.86 10.91
C TRP A 322 -4.91 20.35 11.98
N LEU A 323 -5.28 20.49 13.24
CA LEU A 323 -4.46 20.03 14.34
C LEU A 323 -5.18 18.80 14.86
N GLY A 324 -4.60 17.63 14.66
CA GLY A 324 -5.24 16.42 15.17
C GLY A 324 -5.39 16.38 16.71
N HIS A 325 -4.51 17.01 17.46
CA HIS A 325 -4.59 16.82 18.92
C HIS A 325 -5.81 17.53 19.58
N ALA A 326 -6.42 18.41 18.79
CA ALA A 326 -7.60 19.11 19.21
C ALA A 326 -8.74 18.14 19.40
N HIS A 327 -8.63 16.93 18.86
CA HIS A 327 -9.74 15.99 18.96
C HIS A 327 -9.47 14.94 19.99
N LEU A 328 -8.38 15.06 20.72
CA LEU A 328 -8.05 14.08 21.70
C LEU A 328 -8.52 14.50 23.09
N ALA A 329 -8.78 13.49 23.96
CA ALA A 329 -9.20 13.70 25.35
C ALA A 329 -8.02 13.73 26.29
N ASP A 330 -6.87 13.32 25.79
CA ASP A 330 -5.73 13.16 26.66
C ASP A 330 -4.61 13.94 26.05
N ASP A 331 -3.53 14.09 26.79
CA ASP A 331 -2.37 14.75 26.23
C ASP A 331 -1.15 14.18 26.90
N PRO A 332 -0.38 13.36 26.19
CA PRO A 332 0.85 12.76 26.68
C PRO A 332 2.07 13.70 26.70
N ILE A 333 1.98 14.84 26.00
CA ILE A 333 3.09 15.80 25.91
C ILE A 333 2.66 17.21 26.33
N PRO A 334 2.11 17.34 27.54
CA PRO A 334 1.42 18.60 27.87
C PRO A 334 2.37 19.81 27.82
N GLY A 335 1.90 20.91 27.24
CA GLY A 335 2.74 22.10 27.19
C GLY A 335 3.87 22.08 26.16
N GLN A 336 3.80 21.15 25.20
CA GLN A 336 4.83 21.08 24.15
C GLN A 336 4.15 21.11 22.80
N GLY A 337 4.84 21.66 21.82
CA GLY A 337 4.40 21.61 20.46
C GLY A 337 3.55 22.78 20.09
N ALA A 338 3.21 22.85 18.82
CA ALA A 338 2.41 23.94 18.30
C ALA A 338 0.99 23.65 18.75
N ARG A 339 0.36 24.62 19.40
CA ARG A 339 -1.05 24.52 19.81
C ARG A 339 -1.83 25.73 19.26
N ASN A 340 -3.15 25.57 19.20
CA ASN A 340 -4.01 26.60 18.68
C ASN A 340 -4.12 27.70 19.74
N ARG A 341 -3.69 28.92 19.36
CA ARG A 341 -3.93 30.15 20.13
C ARG A 341 -4.79 31.00 19.23
N ASP A 342 -6.09 31.01 19.44
CA ASP A 342 -7.00 31.91 18.72
C ASP A 342 -6.95 31.81 17.18
N GLY A 343 -6.93 30.57 16.68
CA GLY A 343 -7.04 30.31 15.27
C GLY A 343 -5.70 30.21 14.54
N LEU A 344 -4.57 30.30 15.27
CA LEU A 344 -3.24 30.23 14.67
C LEU A 344 -2.39 29.31 15.49
N ALA A 345 -1.41 28.66 14.86
CA ALA A 345 -0.43 27.92 15.63
C ALA A 345 0.95 28.11 15.06
N THR A 346 1.95 28.11 15.94
CA THR A 346 3.26 28.58 15.60
C THR A 346 4.15 27.41 15.93
N PRO A 347 5.00 27.01 14.96
CA PRO A 347 5.90 25.88 15.28
C PRO A 347 7.00 26.44 16.17
N PRO A 348 7.66 25.57 16.96
CA PRO A 348 8.73 25.94 17.87
C PRO A 348 9.97 26.40 17.11
N SER A 349 10.91 26.99 17.82
CA SER A 349 12.09 27.46 17.13
C SER A 349 13.32 26.82 17.71
N ALA A 350 13.13 25.91 18.65
CA ALA A 350 14.27 25.12 19.19
C ALA A 350 14.90 24.22 18.09
N PRO A 351 16.17 23.85 18.25
CA PRO A 351 16.75 22.91 17.22
C PRO A 351 15.91 21.63 17.03
N GLY A 352 15.89 21.08 15.82
CA GLY A 352 15.07 19.92 15.54
C GLY A 352 13.55 20.15 15.63
N LEU A 353 12.88 19.10 16.07
CA LEU A 353 11.44 19.09 16.08
C LEU A 353 10.84 20.07 17.12
N GLY A 354 11.53 20.19 18.24
CA GLY A 354 11.10 21.07 19.29
C GLY A 354 10.11 20.48 20.24
N VAL A 355 9.91 19.16 20.20
CA VAL A 355 9.18 18.43 21.27
C VAL A 355 9.96 17.23 21.78
N ILE A 356 9.94 17.05 23.10
CA ILE A 356 10.68 15.98 23.81
C ILE A 356 9.72 15.26 24.76
N PRO A 357 9.18 14.12 24.31
CA PRO A 357 8.28 13.41 25.21
C PRO A 357 9.02 12.83 26.40
N ASP A 358 8.32 12.71 27.52
CA ASP A 358 8.85 12.09 28.72
C ASP A 358 8.46 10.62 28.68
N PRO A 359 9.44 9.71 28.57
CA PRO A 359 9.08 8.30 28.54
C PRO A 359 8.15 7.91 29.71
N GLU A 360 8.30 8.60 30.84
CA GLU A 360 7.47 8.33 32.01
C GLU A 360 5.96 8.56 31.77
N ALA A 361 5.64 9.49 30.88
CA ALA A 361 4.26 9.74 30.52
C ALA A 361 3.66 8.72 29.51
N LEU A 362 4.49 7.82 28.98
CA LEU A 362 4.11 7.01 27.79
C LEU A 362 3.71 5.54 28.00
N GLY A 363 3.94 5.04 29.21
CA GLY A 363 3.78 3.61 29.46
C GLY A 363 5.11 2.92 29.19
N ARG A 364 5.15 1.62 29.46
CA ARG A 364 6.34 0.84 29.15
C ARG A 364 6.45 0.64 27.64
N PRO A 365 7.67 0.66 27.11
CA PRO A 365 7.84 0.42 25.67
C PRO A 365 7.36 -0.96 25.28
N VAL A 366 6.80 -1.08 24.07
CA VAL A 366 6.34 -2.37 23.61
C VAL A 366 7.40 -3.11 22.80
N ALA A 367 8.37 -2.37 22.27
CA ALA A 367 9.49 -3.01 21.57
C ALA A 367 10.72 -2.14 21.66
N SER A 368 11.89 -2.78 21.64
CA SER A 368 13.18 -2.09 21.73
C SER A 368 14.12 -2.84 20.80
N TYR A 369 14.98 -2.11 20.09
CA TYR A 369 15.87 -2.71 19.11
C TYR A 369 17.23 -2.06 19.21
N ASP A 370 18.28 -2.87 19.45
CA ASP A 370 19.65 -2.32 19.60
C ASP A 370 20.75 -3.20 18.98
N GLU A 371 21.96 -2.65 18.76
CA GLU A 371 23.07 -3.43 18.12
C GLU A 371 24.16 -3.87 19.10
N SER B 2 -26.95 -18.48 6.56
CA SER B 2 -26.57 -18.89 7.95
C SER B 2 -25.18 -19.54 8.15
N LEU B 3 -24.55 -20.14 7.14
CA LEU B 3 -23.11 -20.50 7.28
C LEU B 3 -22.35 -19.24 7.71
N ARG B 4 -21.47 -19.38 8.72
CA ARG B 4 -20.80 -18.28 9.45
C ARG B 4 -19.36 -18.66 9.69
N ILE B 5 -18.44 -17.71 9.61
CA ILE B 5 -17.06 -18.00 9.96
C ILE B 5 -16.99 -17.99 11.47
N THR B 6 -16.31 -18.99 12.02
CA THR B 6 -16.39 -19.32 13.43
C THR B 6 -15.06 -19.12 14.14
N ARG B 7 -13.99 -19.34 13.41
CA ARG B 7 -12.70 -19.17 14.03
C ARG B 7 -11.68 -19.01 12.94
N LEU B 8 -10.69 -18.18 13.19
CA LEU B 8 -9.53 -18.03 12.34
C LEU B 8 -8.31 -18.43 13.13
N THR B 9 -7.48 -19.32 12.58
CA THR B 9 -6.23 -19.66 13.23
C THR B 9 -5.06 -19.37 12.29
N VAL B 10 -4.00 -18.80 12.87
CA VAL B 10 -2.86 -18.30 12.15
C VAL B 10 -1.63 -19.12 12.53
N PHE B 11 -0.95 -19.65 11.51
CA PHE B 11 0.28 -20.41 11.75
C PHE B 11 1.38 -19.68 11.07
N HIS B 12 2.56 -19.71 11.65
CA HIS B 12 3.75 -19.10 11.04
C HIS B 12 4.77 -20.19 10.67
N LEU B 13 5.07 -20.27 9.38
CA LEU B 13 6.01 -21.26 8.89
C LEU B 13 7.30 -20.60 8.52
N ASP B 14 8.38 -21.14 9.07
CA ASP B 14 9.72 -20.70 8.80
C ASP B 14 10.30 -21.58 7.70
N LEU B 15 10.36 -21.09 6.46
CA LEU B 15 10.76 -21.95 5.36
C LEU B 15 12.10 -21.56 4.77
N PRO B 16 13.15 -22.35 5.07
CA PRO B 16 14.44 -22.13 4.41
C PRO B 16 14.32 -22.43 2.92
N LEU B 17 14.94 -21.56 2.13
CA LEU B 17 15.18 -21.79 0.73
C LEU B 17 16.29 -22.82 0.48
N ALA B 18 16.13 -23.59 -0.59
CA ALA B 18 17.08 -24.61 -1.01
C ALA B 18 18.45 -24.04 -1.46
N LYS B 19 18.37 -22.87 -2.10
CA LYS B 19 19.51 -22.19 -2.71
C LYS B 19 19.55 -20.78 -2.11
N PRO B 20 20.20 -20.63 -0.92
CA PRO B 20 20.31 -19.34 -0.20
C PRO B 20 21.37 -18.39 -0.79
N PHE B 30 18.84 -12.87 1.93
CA PHE B 30 17.88 -13.77 2.60
C PHE B 30 17.90 -15.24 2.14
N ASP B 31 18.02 -16.10 3.14
CA ASP B 31 18.04 -17.53 2.95
C ASP B 31 16.70 -18.22 3.29
N ARG B 32 15.72 -17.47 3.83
CA ARG B 32 14.42 -18.02 4.30
C ARG B 32 13.19 -17.19 3.93
N LEU B 33 12.04 -17.86 3.86
CA LEU B 33 10.75 -17.23 3.70
C LEU B 33 9.95 -17.32 4.99
N ASP B 34 9.12 -16.28 5.19
CA ASP B 34 8.19 -16.20 6.26
C ASP B 34 6.77 -16.39 5.72
N SER B 35 6.20 -17.57 5.92
CA SER B 35 4.90 -17.88 5.34
C SER B 35 3.83 -17.90 6.40
N THR B 36 2.62 -17.47 6.08
CA THR B 36 1.56 -17.51 7.07
C THR B 36 0.50 -18.44 6.55
N TYR B 37 0.12 -19.46 7.32
CA TYR B 37 -0.98 -20.32 6.93
C TYR B 37 -2.18 -19.90 7.73
N LEU B 38 -3.34 -19.88 7.09
CA LEU B 38 -4.54 -19.45 7.76
C LEU B 38 -5.64 -20.47 7.66
N ARG B 39 -6.13 -20.92 8.81
CA ARG B 39 -7.26 -21.83 8.86
C ARG B 39 -8.55 -21.11 9.25
N ILE B 40 -9.59 -21.32 8.44
CA ILE B 40 -10.89 -20.69 8.75
C ILE B 40 -11.94 -21.75 8.99
N ASP B 41 -12.54 -21.74 10.19
CA ASP B 41 -13.61 -22.68 10.52
C ASP B 41 -14.98 -22.07 10.37
N THR B 42 -15.97 -22.91 10.08
CA THR B 42 -17.35 -22.48 10.11
C THR B 42 -18.20 -23.32 11.07
N ASP B 43 -19.32 -22.75 11.51
CA ASP B 43 -20.29 -23.43 12.35
C ASP B 43 -20.75 -24.76 11.79
N GLU B 44 -20.79 -24.93 10.48
CA GLU B 44 -21.17 -26.22 9.94
C GLU B 44 -19.98 -27.19 9.73
N GLY B 45 -18.86 -26.92 10.38
CA GLY B 45 -17.69 -27.81 10.31
C GLY B 45 -16.95 -27.86 8.97
N VAL B 46 -17.17 -26.89 8.09
CA VAL B 46 -16.34 -26.83 6.88
C VAL B 46 -15.20 -25.80 7.06
N THR B 47 -13.98 -26.29 6.87
CA THR B 47 -12.74 -25.56 7.14
C THR B 47 -12.02 -25.27 5.83
N GLY B 48 -11.58 -24.02 5.67
CA GLY B 48 -10.83 -23.62 4.49
C GLY B 48 -9.48 -23.15 4.97
N TRP B 49 -8.50 -23.23 4.07
CA TRP B 49 -7.12 -22.84 4.35
C TRP B 49 -6.59 -21.90 3.30
N GLY B 50 -5.72 -20.97 3.72
CA GLY B 50 -5.02 -20.13 2.78
C GLY B 50 -3.61 -19.88 3.20
N GLU B 51 -2.80 -19.39 2.26
CA GLU B 51 -1.39 -19.10 2.49
C GLU B 51 -1.07 -17.71 1.94
N GLY B 52 -0.30 -16.94 2.69
CA GLY B 52 0.34 -15.75 2.11
C GLY B 52 1.78 -15.85 2.52
N CYS B 53 2.68 -15.79 1.56
CA CYS B 53 4.08 -15.89 1.79
C CYS B 53 4.82 -14.89 0.91
N PRO B 54 5.05 -13.69 1.42
CA PRO B 54 5.75 -12.72 0.62
C PRO B 54 7.15 -13.23 0.31
N TRP B 55 7.73 -12.76 -0.79
CA TRP B 55 9.06 -13.14 -1.16
C TRP B 55 10.05 -12.27 -0.42
N GLY B 56 10.32 -12.63 0.85
CA GLY B 56 11.02 -11.72 1.79
C GLY B 56 10.15 -10.45 1.95
N HIS B 57 10.73 -9.37 2.48
CA HIS B 57 9.99 -8.17 2.77
C HIS B 57 10.40 -7.00 1.83
N SER B 58 11.23 -7.33 0.83
CA SER B 58 11.84 -6.33 -0.03
CA SER B 58 11.83 -6.34 -0.03
C SER B 58 11.31 -6.47 -1.44
N TYR B 59 10.54 -7.50 -1.70
CA TYR B 59 10.19 -7.68 -3.08
C TYR B 59 8.94 -6.83 -3.42
N LEU B 60 7.97 -6.81 -2.52
CA LEU B 60 6.71 -6.15 -2.74
C LEU B 60 6.28 -5.50 -1.41
N PRO B 61 5.23 -4.66 -1.44
CA PRO B 61 4.75 -4.05 -0.22
C PRO B 61 4.06 -5.13 0.62
N ALA B 62 4.88 -5.93 1.31
CA ALA B 62 4.39 -7.15 1.93
C ALA B 62 5.44 -7.68 2.82
N HIS B 63 5.07 -8.18 3.99
CA HIS B 63 6.02 -8.84 4.86
C HIS B 63 5.28 -9.70 5.85
N GLY B 64 5.93 -10.74 6.37
CA GLY B 64 5.24 -11.75 7.11
C GLY B 64 4.70 -11.17 8.39
N PRO B 65 5.47 -10.33 9.08
CA PRO B 65 4.91 -9.86 10.36
C PRO B 65 3.73 -8.88 10.20
N GLY B 66 3.79 -8.04 9.16
CA GLY B 66 2.65 -7.23 8.78
C GLY B 66 1.47 -8.09 8.38
N LEU B 67 1.76 -9.26 7.83
CA LEU B 67 0.64 -10.06 7.34
C LEU B 67 -0.18 -10.49 8.54
N ARG B 68 0.52 -10.97 9.57
CA ARG B 68 -0.11 -11.47 10.77
C ARG B 68 -0.81 -10.34 11.53
N ALA B 69 -0.21 -9.15 11.50
CA ALA B 69 -0.78 -7.98 12.14
C ALA B 69 -2.10 -7.61 11.43
N GLY B 70 -2.11 -7.68 10.10
CA GLY B 70 -3.34 -7.41 9.37
C GLY B 70 -4.47 -8.40 9.64
N ILE B 71 -4.16 -9.69 9.83
CA ILE B 71 -5.20 -10.69 10.18
C ILE B 71 -5.80 -10.30 11.55
N ALA B 72 -4.93 -9.92 12.47
CA ALA B 72 -5.37 -9.34 13.74
C ALA B 72 -6.34 -8.14 13.62
N THR B 73 -5.99 -7.11 12.84
CA THR B 73 -6.91 -6.00 12.60
C THR B 73 -8.24 -6.46 11.99
N LEU B 74 -8.22 -7.42 11.07
CA LEU B 74 -9.44 -7.87 10.37
C LEU B 74 -10.26 -8.95 11.06
N ALA B 75 -9.63 -9.84 11.80
CA ALA B 75 -10.34 -10.94 12.45
C ALA B 75 -11.74 -10.60 12.98
N PRO B 76 -11.88 -9.58 13.85
CA PRO B 76 -13.18 -9.25 14.45
C PRO B 76 -14.24 -8.80 13.46
N HIS B 77 -13.84 -8.46 12.24
CA HIS B 77 -14.78 -8.12 11.16
C HIS B 77 -15.08 -9.30 10.29
N LEU B 78 -14.23 -10.32 10.36
CA LEU B 78 -14.46 -11.54 9.58
C LEU B 78 -15.29 -12.58 10.32
N LEU B 79 -15.17 -12.59 11.63
CA LEU B 79 -15.94 -13.51 12.47
C LEU B 79 -17.41 -13.31 12.18
N GLY B 80 -18.11 -14.37 11.78
CA GLY B 80 -19.56 -14.34 11.60
C GLY B 80 -20.05 -13.97 10.22
N LEU B 81 -19.12 -13.76 9.28
CA LEU B 81 -19.48 -13.54 7.91
C LEU B 81 -19.77 -14.88 7.26
N ASP B 82 -20.68 -14.83 6.28
CA ASP B 82 -20.93 -15.94 5.42
C ASP B 82 -19.85 -16.01 4.34
N PRO B 83 -18.98 -17.03 4.43
CA PRO B 83 -17.81 -17.15 3.58
C PRO B 83 -18.14 -17.54 2.14
N ARG B 84 -19.40 -17.89 1.87
CA ARG B 84 -19.83 -18.25 0.52
C ARG B 84 -20.05 -17.01 -0.32
N SER B 85 -20.16 -15.89 0.37
CA SER B 85 -20.44 -14.62 -0.33
C SER B 85 -19.11 -13.86 -0.61
N LEU B 86 -18.36 -14.29 -1.63
CA LEU B 86 -16.93 -13.89 -1.71
C LEU B 86 -16.71 -12.40 -1.97
N ASP B 87 -17.49 -11.81 -2.87
CA ASP B 87 -17.44 -10.41 -3.16
C ASP B 87 -17.78 -9.62 -1.90
N HIS B 88 -18.77 -10.07 -1.14
CA HIS B 88 -19.08 -9.38 0.12
C HIS B 88 -17.92 -9.45 1.13
N VAL B 89 -17.38 -10.64 1.35
CA VAL B 89 -16.17 -10.75 2.16
C VAL B 89 -15.07 -9.77 1.71
N ASN B 90 -14.75 -9.71 0.41
CA ASN B 90 -13.75 -8.76 -0.06
C ASN B 90 -14.12 -7.28 0.22
N ARG B 91 -15.41 -6.94 0.10
CA ARG B 91 -15.81 -5.56 0.33
C ARG B 91 -15.55 -5.18 1.75
N VAL B 92 -15.74 -6.14 2.67
CA VAL B 92 -15.64 -5.91 4.09
C VAL B 92 -14.15 -5.75 4.41
N MET B 93 -13.31 -6.62 3.83
CA MET B 93 -11.86 -6.50 3.98
C MET B 93 -11.41 -5.15 3.45
N ASP B 94 -11.95 -4.70 2.33
CA ASP B 94 -11.50 -3.39 1.81
C ASP B 94 -11.91 -2.17 2.66
N LEU B 95 -13.09 -2.26 3.28
CA LEU B 95 -13.57 -1.23 4.17
C LEU B 95 -12.74 -1.21 5.41
N GLN B 96 -12.40 -2.37 5.94
CA GLN B 96 -11.78 -2.43 7.26
C GLN B 96 -10.29 -2.24 7.26
N LEU B 97 -9.64 -2.51 6.12
CA LEU B 97 -8.21 -2.34 6.03
C LEU B 97 -7.89 -2.08 4.58
N PRO B 98 -7.82 -0.80 4.17
CA PRO B 98 -7.46 -0.51 2.79
C PRO B 98 -6.05 -1.02 2.38
N GLY B 99 -5.87 -1.36 1.09
CA GLY B 99 -4.54 -1.83 0.54
C GLY B 99 -4.22 -3.16 1.26
N HIS B 100 -2.94 -3.39 1.64
CA HIS B 100 -2.58 -4.62 2.30
C HIS B 100 -3.14 -5.84 1.50
N SER B 101 -2.97 -5.88 0.19
CA SER B 101 -3.45 -7.03 -0.58
CA SER B 101 -3.42 -7.05 -0.58
C SER B 101 -2.82 -8.35 -0.04
N TYR B 102 -1.63 -8.25 0.52
CA TYR B 102 -0.95 -9.43 1.02
C TYR B 102 -1.60 -10.11 2.22
N VAL B 103 -2.21 -9.30 3.07
CA VAL B 103 -3.05 -9.74 4.18
C VAL B 103 -4.32 -10.40 3.66
N LYS B 104 -4.96 -9.79 2.64
CA LYS B 104 -6.28 -10.22 2.19
C LYS B 104 -6.24 -11.53 1.41
N SER B 105 -5.15 -11.78 0.69
CA SER B 105 -5.08 -12.98 -0.17
C SER B 105 -5.39 -14.34 0.52
N PRO B 106 -4.67 -14.69 1.60
CA PRO B 106 -4.96 -15.98 2.29
C PRO B 106 -6.35 -16.07 2.85
N ILE B 107 -6.95 -14.95 3.23
CA ILE B 107 -8.29 -14.98 3.75
C ILE B 107 -9.20 -15.34 2.64
N ASP B 108 -9.04 -14.67 1.49
CA ASP B 108 -9.93 -14.85 0.36
C ASP B 108 -9.77 -16.28 -0.19
N MET B 109 -8.52 -16.77 -0.22
CA MET B 109 -8.16 -18.15 -0.59
C MET B 109 -8.91 -19.17 0.23
N ALA B 110 -8.90 -19.02 1.55
CA ALA B 110 -9.62 -19.92 2.44
C ALA B 110 -11.15 -19.91 2.24
N CYS B 111 -11.73 -18.76 1.90
CA CYS B 111 -13.20 -18.72 1.70
C CYS B 111 -13.54 -19.41 0.39
N TRP B 112 -12.70 -19.19 -0.63
CA TRP B 112 -12.89 -19.93 -1.88
C TRP B 112 -12.88 -21.47 -1.63
N ASP B 113 -11.97 -21.90 -0.76
CA ASP B 113 -11.80 -23.31 -0.44
C ASP B 113 -13.11 -23.82 0.17
N ILE B 114 -13.67 -23.06 1.12
CA ILE B 114 -14.97 -23.35 1.71
C ILE B 114 -16.08 -23.45 0.66
N LEU B 115 -16.16 -22.43 -0.19
CA LEU B 115 -17.20 -22.37 -1.21
C LEU B 115 -17.10 -23.61 -2.09
N GLY B 116 -15.88 -23.98 -2.49
CA GLY B 116 -15.69 -25.14 -3.36
C GLY B 116 -16.13 -26.42 -2.64
N GLN B 117 -15.85 -26.51 -1.35
CA GLN B 117 -16.27 -27.69 -0.57
C GLN B 117 -17.77 -27.73 -0.42
N VAL B 118 -18.41 -26.58 -0.14
CA VAL B 118 -19.88 -26.52 0.01
C VAL B 118 -20.50 -26.85 -1.36
N ALA B 119 -19.91 -26.32 -2.44
CA ALA B 119 -20.49 -26.51 -3.77
C ALA B 119 -20.27 -27.92 -4.35
N GLY B 120 -19.32 -28.66 -3.76
CA GLY B 120 -18.87 -29.95 -4.27
C GLY B 120 -18.01 -29.84 -5.54
N LEU B 121 -17.32 -28.72 -5.73
CA LEU B 121 -16.60 -28.47 -6.99
C LEU B 121 -15.21 -27.93 -6.74
N PRO B 122 -14.22 -28.36 -7.56
CA PRO B 122 -12.85 -27.81 -7.43
C PRO B 122 -12.82 -26.33 -7.91
N LEU B 123 -11.84 -25.55 -7.47
CA LEU B 123 -11.80 -24.14 -7.76
C LEU B 123 -11.74 -23.89 -9.25
N TRP B 124 -11.04 -24.78 -10.00
CA TRP B 124 -10.82 -24.51 -11.44
C TRP B 124 -12.14 -24.56 -12.18
N GLN B 125 -13.08 -25.32 -11.67
CA GLN B 125 -14.40 -25.34 -12.28
C GLN B 125 -15.28 -24.16 -11.83
N LEU B 126 -15.23 -23.77 -10.56
CA LEU B 126 -15.85 -22.50 -10.12
C LEU B 126 -15.24 -21.26 -10.84
N LEU B 127 -13.97 -21.33 -11.21
CA LEU B 127 -13.30 -20.29 -11.96
C LEU B 127 -13.55 -20.49 -13.44
N GLY B 128 -14.44 -21.40 -13.79
CA GLY B 128 -14.90 -21.54 -15.15
C GLY B 128 -14.25 -22.53 -16.09
N GLY B 129 -13.24 -23.28 -15.65
CA GLY B 129 -12.46 -24.09 -16.60
C GLY B 129 -13.23 -25.33 -17.05
N GLU B 130 -12.93 -25.87 -18.23
CA GLU B 130 -13.60 -27.12 -18.62
C GLU B 130 -12.98 -28.33 -17.96
N ALA B 131 -11.67 -28.25 -17.70
CA ALA B 131 -10.88 -29.40 -17.22
C ALA B 131 -9.76 -28.99 -16.27
N ALA B 132 -9.25 -29.96 -15.50
CA ALA B 132 -8.03 -29.73 -14.72
C ALA B 132 -6.83 -29.73 -15.66
N THR B 133 -6.65 -28.64 -16.41
CA THR B 133 -5.67 -28.63 -17.49
C THR B 133 -4.27 -28.74 -16.90
N PRO B 134 -3.44 -29.61 -17.48
CA PRO B 134 -2.05 -29.56 -17.09
C PRO B 134 -1.37 -28.28 -17.58
N VAL B 135 -0.85 -27.48 -16.64
CA VAL B 135 -0.29 -26.19 -16.97
C VAL B 135 1.25 -26.30 -17.07
N PRO B 136 1.86 -25.81 -18.16
CA PRO B 136 3.31 -25.82 -18.30
C PRO B 136 3.98 -24.98 -17.20
N ILE B 137 5.10 -25.46 -16.65
CA ILE B 137 5.75 -24.83 -15.54
C ILE B 137 6.99 -24.10 -16.02
N ASN B 138 7.34 -22.98 -15.40
CA ASN B 138 8.59 -22.39 -15.81
C ASN B 138 9.68 -22.17 -14.83
N SER B 139 10.89 -22.20 -15.36
CA SER B 139 12.05 -22.22 -14.52
C SER B 139 12.35 -20.82 -14.11
N SER B 140 13.17 -20.69 -13.06
CA SER B 140 13.83 -19.44 -12.65
C SER B 140 15.33 -19.60 -12.85
N ILE B 141 15.90 -18.71 -13.65
CA ILE B 141 17.32 -18.77 -13.93
C ILE B 141 17.86 -17.55 -13.21
N SER B 142 18.70 -17.79 -12.19
CA SER B 142 19.24 -16.70 -11.37
CA SER B 142 19.23 -16.70 -11.37
C SER B 142 20.33 -15.97 -12.15
N THR B 143 20.57 -14.72 -11.79
CA THR B 143 21.48 -13.86 -12.59
C THR B 143 23.02 -14.17 -12.49
N GLY B 144 23.71 -14.26 -13.62
CA GLY B 144 25.14 -14.63 -13.68
C GLY B 144 25.76 -14.26 -15.02
N THR B 145 26.85 -14.91 -15.42
CA THR B 145 27.43 -14.67 -16.73
C THR B 145 26.65 -15.39 -17.83
N PRO B 146 26.80 -14.93 -19.08
CA PRO B 146 26.26 -15.63 -20.25
C PRO B 146 26.43 -17.17 -20.27
N ASP B 147 27.65 -17.74 -20.23
CA ASP B 147 27.70 -19.22 -20.07
C ASP B 147 27.18 -19.81 -18.73
N GLN B 148 27.34 -19.15 -17.59
CA GLN B 148 26.65 -19.63 -16.37
C GLN B 148 25.12 -19.84 -16.61
N MET B 149 24.38 -18.75 -17.00
CA MET B 149 22.93 -18.81 -17.14
C MET B 149 22.55 -19.91 -18.15
N LEU B 150 23.39 -20.07 -19.17
CA LEU B 150 23.17 -21.04 -20.22
C LEU B 150 23.31 -22.51 -19.71
N GLY B 151 24.10 -22.68 -18.65
CA GLY B 151 24.28 -23.97 -17.95
C GLY B 151 23.05 -24.23 -17.10
N LEU B 152 22.61 -23.21 -16.36
CA LEU B 152 21.38 -23.30 -15.58
C LEU B 152 20.13 -23.59 -16.43
N ILE B 153 20.16 -23.15 -17.67
CA ILE B 153 19.05 -23.43 -18.59
C ILE B 153 19.11 -24.84 -19.11
N ALA B 154 20.29 -25.29 -19.51
CA ALA B 154 20.47 -26.71 -19.90
C ALA B 154 19.96 -27.69 -18.82
N GLU B 155 20.19 -27.30 -17.58
CA GLU B 155 19.73 -28.04 -16.43
C GLU B 155 18.17 -28.10 -16.39
N ALA B 156 17.56 -26.92 -16.33
CA ALA B 156 16.11 -26.77 -16.27
C ALA B 156 15.48 -27.50 -17.43
N ALA B 157 16.07 -27.42 -18.59
CA ALA B 157 15.52 -28.14 -19.70
C ALA B 157 15.56 -29.66 -19.47
N ALA B 158 16.63 -30.16 -18.83
CA ALA B 158 16.76 -31.58 -18.52
C ALA B 158 15.68 -31.96 -17.54
N GLN B 159 15.35 -31.05 -16.62
CA GLN B 159 14.29 -31.29 -15.64
C GLN B 159 12.90 -31.23 -16.24
N GLY B 160 12.79 -30.75 -17.49
CA GLY B 160 11.51 -30.70 -18.21
C GLY B 160 10.85 -29.33 -18.32
N TYR B 161 11.49 -28.28 -17.84
CA TYR B 161 10.97 -26.94 -18.06
C TYR B 161 11.13 -26.56 -19.53
N ARG B 162 10.09 -26.01 -20.15
CA ARG B 162 10.23 -25.55 -21.53
C ARG B 162 10.04 -24.05 -21.64
N THR B 163 9.81 -23.36 -20.53
CA THR B 163 9.84 -21.90 -20.54
C THR B 163 10.76 -21.51 -19.44
N HIS B 164 11.57 -20.51 -19.66
CA HIS B 164 12.54 -20.14 -18.64
C HIS B 164 12.52 -18.64 -18.38
N SER B 165 12.58 -18.26 -17.13
CA SER B 165 12.55 -16.86 -16.79
C SER B 165 13.96 -16.46 -16.30
N ALA B 166 14.74 -15.78 -17.15
CA ALA B 166 16.11 -15.36 -16.83
C ALA B 166 16.11 -14.04 -16.06
N LYS B 167 16.64 -14.01 -14.86
CA LYS B 167 16.75 -12.76 -14.10
C LYS B 167 17.94 -12.02 -14.65
N ILE B 168 17.71 -10.86 -15.25
CA ILE B 168 18.79 -9.99 -15.72
C ILE B 168 18.59 -8.62 -15.02
N GLY B 169 19.31 -7.59 -15.43
CA GLY B 169 19.19 -6.28 -14.78
C GLY B 169 20.52 -5.78 -14.29
N GLY B 170 20.59 -4.46 -14.19
CA GLY B 170 21.71 -3.75 -13.60
C GLY B 170 21.85 -2.33 -14.16
N SER B 171 22.97 -1.70 -13.84
CA SER B 171 23.25 -0.38 -14.32
C SER B 171 24.20 -0.48 -15.54
N ASP B 172 24.53 -1.72 -15.95
CA ASP B 172 25.58 -1.99 -16.95
C ASP B 172 25.08 -2.54 -18.31
N PRO B 173 24.80 -1.65 -19.25
CA PRO B 173 24.16 -2.05 -20.50
C PRO B 173 24.86 -3.23 -21.20
N ALA B 174 26.19 -3.25 -21.19
CA ALA B 174 26.97 -4.25 -21.94
C ALA B 174 26.73 -5.66 -21.49
N GLN B 175 26.56 -5.86 -20.18
CA GLN B 175 26.39 -7.25 -19.67
C GLN B 175 25.02 -7.82 -19.89
N ASP B 176 24.01 -6.93 -19.90
CA ASP B 176 22.67 -7.38 -20.13
C ASP B 176 22.55 -7.66 -21.58
N ILE B 177 23.25 -6.89 -22.41
CA ILE B 177 23.29 -7.17 -23.84
C ILE B 177 23.87 -8.59 -24.08
N ALA B 178 25.06 -8.86 -23.48
CA ALA B 178 25.73 -10.16 -23.53
C ALA B 178 24.84 -11.33 -23.06
N ARG B 179 24.29 -11.18 -21.84
CA ARG B 179 23.29 -12.12 -21.32
C ARG B 179 22.16 -12.43 -22.28
N ILE B 180 21.48 -11.39 -22.77
CA ILE B 180 20.35 -11.57 -23.64
C ILE B 180 20.74 -12.25 -24.94
N GLU B 181 21.79 -11.81 -25.57
CA GLU B 181 22.06 -12.36 -26.88
C GLU B 181 22.56 -13.82 -26.79
N ALA B 182 23.29 -14.16 -25.72
CA ALA B 182 23.74 -15.55 -25.55
C ALA B 182 22.54 -16.50 -25.29
N ILE B 183 21.70 -16.12 -24.31
CA ILE B 183 20.56 -16.95 -23.90
C ILE B 183 19.57 -17.06 -25.05
N SER B 184 19.31 -15.97 -25.78
CA SER B 184 18.22 -15.99 -26.73
C SER B 184 18.53 -16.90 -27.92
N ALA B 185 19.83 -17.06 -28.16
CA ALA B 185 20.30 -17.83 -29.30
C ALA B 185 20.59 -19.29 -28.93
N GLY B 186 21.15 -19.53 -27.74
CA GLY B 186 21.47 -20.87 -27.28
C GLY B 186 20.41 -21.56 -26.41
N LEU B 187 19.13 -21.33 -26.75
CA LEU B 187 17.97 -21.95 -26.13
C LEU B 187 17.65 -23.20 -26.89
N PRO B 188 17.28 -24.29 -26.19
CA PRO B 188 16.89 -25.52 -26.91
C PRO B 188 15.71 -25.25 -27.82
N ASP B 189 15.61 -26.01 -28.89
CA ASP B 189 14.55 -25.80 -29.88
C ASP B 189 13.19 -26.02 -29.24
N GLY B 190 12.25 -25.13 -29.58
CA GLY B 190 10.87 -25.23 -29.04
C GLY B 190 10.66 -24.59 -27.66
N HIS B 191 11.75 -24.20 -27.01
CA HIS B 191 11.65 -23.58 -25.67
C HIS B 191 11.44 -22.06 -25.80
N ARG B 192 10.97 -21.44 -24.71
CA ARG B 192 10.61 -20.04 -24.59
C ARG B 192 11.41 -19.39 -23.47
N VAL B 193 11.89 -18.16 -23.68
CA VAL B 193 12.60 -17.49 -22.59
C VAL B 193 11.98 -16.08 -22.31
N THR B 194 11.84 -15.75 -21.02
CA THR B 194 11.42 -14.41 -20.67
C THR B 194 12.54 -13.72 -19.94
N PHE B 195 12.83 -12.47 -20.30
CA PHE B 195 13.87 -11.75 -19.58
C PHE B 195 13.25 -10.90 -18.49
N ASP B 196 13.43 -11.41 -17.27
CA ASP B 196 12.87 -10.83 -16.06
C ASP B 196 13.80 -9.81 -15.48
N VAL B 197 13.49 -8.53 -15.69
CA VAL B 197 14.43 -7.53 -15.19
C VAL B 197 14.09 -7.03 -13.79
N ASN B 198 12.89 -7.36 -13.33
CA ASN B 198 12.46 -7.00 -11.99
C ASN B 198 12.83 -5.57 -11.52
N ARG B 199 12.52 -4.59 -12.38
CA ARG B 199 12.49 -3.18 -12.05
C ARG B 199 13.90 -2.66 -11.98
N ALA B 200 14.88 -3.48 -12.34
CA ALA B 200 16.32 -3.13 -12.21
C ALA B 200 16.87 -2.18 -13.30
N TRP B 201 16.08 -1.81 -14.30
CA TRP B 201 16.59 -0.85 -15.30
C TRP B 201 15.96 0.52 -15.11
N THR B 202 16.71 1.58 -15.44
CA THR B 202 16.04 2.84 -15.74
C THR B 202 15.61 2.81 -17.21
N PRO B 203 14.71 3.73 -17.64
CA PRO B 203 14.42 3.73 -19.08
C PRO B 203 15.61 3.86 -20.01
N ALA B 204 16.60 4.68 -19.70
CA ALA B 204 17.79 4.82 -20.61
C ALA B 204 18.48 3.48 -20.94
N ILE B 205 18.66 2.65 -19.91
CA ILE B 205 19.25 1.33 -20.04
C ILE B 205 18.37 0.40 -20.83
N ALA B 206 17.08 0.40 -20.51
CA ALA B 206 16.14 -0.43 -21.28
C ALA B 206 16.17 -0.18 -22.79
N VAL B 207 16.20 1.11 -23.16
CA VAL B 207 16.23 1.55 -24.52
C VAL B 207 17.56 1.19 -25.21
N GLU B 208 18.68 1.42 -24.52
CA GLU B 208 19.92 1.08 -25.11
C GLU B 208 20.04 -0.43 -25.30
N VAL B 209 19.72 -1.20 -24.26
CA VAL B 209 19.85 -2.63 -24.32
C VAL B 209 18.97 -3.25 -25.42
N LEU B 210 17.67 -3.02 -25.34
CA LEU B 210 16.71 -3.64 -26.23
C LEU B 210 16.82 -3.26 -27.68
N ASN B 211 17.39 -2.10 -27.98
CA ASN B 211 17.49 -1.65 -29.34
C ASN B 211 18.83 -1.99 -29.89
N SER B 212 19.63 -2.68 -29.09
CA SER B 212 21.00 -3.13 -29.50
C SER B 212 21.00 -4.64 -29.78
N VAL B 213 19.88 -5.27 -29.66
CA VAL B 213 19.78 -6.75 -29.57
C VAL B 213 18.71 -7.21 -30.62
N ARG B 214 18.90 -8.38 -31.24
CA ARG B 214 17.94 -8.82 -32.23
C ARG B 214 16.89 -9.65 -31.51
N ALA B 215 17.15 -10.08 -30.29
CA ALA B 215 16.15 -10.97 -29.64
C ALA B 215 14.77 -10.23 -29.44
N ARG B 216 13.65 -10.87 -29.74
CA ARG B 216 12.36 -10.25 -29.51
C ARG B 216 11.54 -11.06 -28.56
N ASP B 217 12.21 -11.65 -27.58
CA ASP B 217 11.54 -12.32 -26.48
C ASP B 217 10.81 -11.30 -25.53
N TRP B 218 9.89 -11.83 -24.74
CA TRP B 218 9.31 -11.10 -23.64
C TRP B 218 10.36 -10.47 -22.69
N ILE B 219 10.10 -9.19 -22.35
CA ILE B 219 10.84 -8.46 -21.28
C ILE B 219 9.82 -8.19 -20.18
N GLU B 220 10.16 -8.58 -18.97
CA GLU B 220 9.23 -8.46 -17.89
C GLU B 220 9.65 -7.32 -16.95
N GLN B 221 8.68 -6.46 -16.69
CA GLN B 221 8.80 -5.29 -15.80
C GLN B 221 10.20 -4.63 -15.83
N PRO B 222 10.57 -3.98 -16.95
CA PRO B 222 11.92 -3.49 -17.05
C PRO B 222 12.18 -2.42 -16.02
N CYS B 223 11.16 -1.62 -15.67
CA CYS B 223 11.42 -0.43 -14.82
C CYS B 223 10.56 -0.40 -13.55
N GLN B 224 10.88 0.49 -12.62
CA GLN B 224 10.17 0.61 -11.36
C GLN B 224 8.66 0.99 -11.52
N THR B 225 8.27 1.84 -12.45
CA THR B 225 6.87 2.23 -12.52
C THR B 225 6.22 1.98 -13.88
N LEU B 226 4.90 2.00 -13.86
CA LEU B 226 4.06 1.87 -15.03
C LEU B 226 4.37 2.93 -16.05
N ASP B 227 4.42 4.16 -15.62
CA ASP B 227 4.82 5.24 -16.52
C ASP B 227 6.18 4.99 -17.23
N GLN B 228 7.18 4.51 -16.49
CA GLN B 228 8.52 4.25 -17.04
C GLN B 228 8.47 3.05 -18.02
N CYS B 229 7.70 2.02 -17.68
CA CYS B 229 7.52 0.89 -18.58
C CYS B 229 6.82 1.22 -19.89
N ALA B 230 5.80 2.06 -19.81
CA ALA B 230 5.03 2.50 -20.97
C ALA B 230 5.97 3.29 -21.88
N HIS B 231 6.82 4.08 -21.29
CA HIS B 231 7.74 4.90 -22.04
C HIS B 231 8.72 3.97 -22.85
N VAL B 232 9.29 2.97 -22.16
CA VAL B 232 10.16 1.97 -22.79
C VAL B 232 9.42 1.26 -23.91
N ALA B 233 8.23 0.80 -23.65
CA ALA B 233 7.45 0.10 -24.64
C ALA B 233 7.28 0.81 -25.94
N ARG B 234 7.05 2.15 -25.92
CA ARG B 234 6.89 2.90 -27.19
C ARG B 234 8.18 3.01 -28.03
N ARG B 235 9.32 2.77 -27.37
CA ARG B 235 10.64 2.99 -27.97
C ARG B 235 11.38 1.67 -28.40
N VAL B 236 10.85 0.49 -28.04
CA VAL B 236 11.50 -0.82 -28.31
C VAL B 236 10.50 -1.76 -29.00
N ALA B 237 10.98 -2.93 -29.39
CA ALA B 237 10.27 -3.78 -30.28
C ALA B 237 9.82 -5.04 -29.57
N ASN B 238 10.19 -5.26 -28.32
CA ASN B 238 9.79 -6.49 -27.64
C ASN B 238 8.39 -6.41 -26.96
N PRO B 239 7.71 -7.53 -26.81
CA PRO B 239 6.50 -7.70 -26.01
C PRO B 239 6.89 -7.33 -24.58
N ILE B 240 6.09 -6.48 -23.91
CA ILE B 240 6.38 -6.15 -22.51
C ILE B 240 5.38 -6.81 -21.57
N MET B 241 5.88 -7.41 -20.49
CA MET B 241 5.09 -8.18 -19.51
C MET B 241 5.18 -7.33 -18.25
N LEU B 242 4.04 -7.01 -17.64
CA LEU B 242 4.04 -6.24 -16.34
C LEU B 242 3.72 -7.11 -15.18
N ASP B 243 4.19 -6.74 -13.99
CA ASP B 243 4.11 -7.60 -12.86
C ASP B 243 4.00 -6.79 -11.56
N GLU B 244 5.12 -6.35 -11.03
CA GLU B 244 5.20 -5.82 -9.68
C GLU B 244 4.51 -4.47 -9.50
N CYS B 245 4.38 -3.69 -10.58
CA CYS B 245 3.71 -2.37 -10.43
C CYS B 245 2.20 -2.51 -10.49
N LEU B 246 1.65 -3.71 -10.64
CA LEU B 246 0.20 -3.82 -10.70
C LEU B 246 -0.42 -4.20 -9.35
N HIS B 247 -0.92 -3.24 -8.60
CA HIS B 247 -1.40 -3.58 -7.24
C HIS B 247 -2.87 -3.84 -7.14
N GLU B 248 -3.62 -3.24 -8.03
CA GLU B 248 -5.08 -3.32 -7.98
C GLU B 248 -5.61 -3.23 -9.35
N PHE B 249 -6.89 -3.47 -9.49
CA PHE B 249 -7.50 -3.50 -10.80
C PHE B 249 -7.25 -2.19 -11.59
N SER B 250 -7.27 -1.02 -10.90
CA SER B 250 -7.13 0.28 -11.60
C SER B 250 -5.77 0.45 -12.26
N ASP B 251 -4.74 -0.21 -11.70
CA ASP B 251 -3.40 -0.20 -12.32
C ASP B 251 -3.41 -0.98 -13.61
N HIS B 252 -4.22 -2.04 -13.68
CA HIS B 252 -4.35 -2.86 -14.91
C HIS B 252 -5.11 -2.06 -15.97
N LEU B 253 -6.17 -1.40 -15.55
CA LEU B 253 -6.90 -0.51 -16.47
C LEU B 253 -6.00 0.58 -17.03
N ALA B 254 -5.21 1.23 -16.16
CA ALA B 254 -4.23 2.24 -16.62
C ALA B 254 -3.19 1.62 -17.60
N ALA B 255 -2.73 0.40 -17.30
CA ALA B 255 -1.73 -0.28 -18.14
C ALA B 255 -2.39 -0.48 -19.49
N TRP B 256 -3.63 -0.92 -19.47
CA TRP B 256 -4.31 -1.18 -20.75
C TRP B 256 -4.49 0.15 -21.50
N SER B 257 -4.93 1.19 -20.81
CA SER B 257 -5.26 2.41 -21.51
C SER B 257 -4.02 3.15 -22.06
N ARG B 258 -2.87 3.03 -21.36
CA ARG B 258 -1.60 3.57 -21.82
CA ARG B 258 -1.59 3.57 -21.80
C ARG B 258 -0.99 2.70 -22.95
N GLY B 259 -1.58 1.54 -23.25
CA GLY B 259 -0.98 0.64 -24.21
C GLY B 259 0.41 0.17 -23.75
N ALA B 260 0.59 -0.02 -22.45
CA ALA B 260 1.91 -0.25 -21.87
C ALA B 260 2.50 -1.69 -22.01
N CYS B 261 1.67 -2.67 -22.33
CA CYS B 261 2.08 -4.04 -22.18
C CYS B 261 1.27 -4.96 -23.09
N GLU B 262 1.70 -6.21 -23.28
CA GLU B 262 0.92 -7.17 -24.01
C GLU B 262 0.59 -8.34 -23.11
N GLY B 263 1.05 -8.27 -21.87
CA GLY B 263 0.76 -9.39 -20.92
C GLY B 263 0.98 -8.84 -19.52
N VAL B 264 0.47 -9.54 -18.52
CA VAL B 264 0.73 -9.28 -17.14
C VAL B 264 0.88 -10.65 -16.40
N LYS B 265 1.62 -10.66 -15.33
CA LYS B 265 1.56 -11.74 -14.36
C LYS B 265 0.48 -11.39 -13.34
N ILE B 266 -0.22 -12.40 -12.89
CA ILE B 266 -1.26 -12.20 -11.89
C ILE B 266 -0.85 -13.06 -10.69
N LYS B 267 -0.68 -12.44 -9.53
CA LYS B 267 -0.25 -13.14 -8.36
C LYS B 267 -1.22 -12.80 -7.22
N PRO B 268 -2.00 -13.78 -6.77
CA PRO B 268 -2.92 -13.56 -5.66
C PRO B 268 -2.39 -12.68 -4.49
N ASN B 269 -1.16 -12.89 -4.01
CA ASN B 269 -0.70 -12.17 -2.86
C ASN B 269 -0.37 -10.70 -3.16
N ARG B 270 -0.17 -10.42 -4.45
CA ARG B 270 0.01 -9.09 -4.82
C ARG B 270 -1.38 -8.38 -5.06
N VAL B 271 -2.40 -9.06 -5.57
CA VAL B 271 -3.65 -8.35 -5.97
C VAL B 271 -4.80 -8.56 -4.92
N GLY B 272 -4.55 -9.33 -3.89
CA GLY B 272 -5.51 -9.48 -2.78
C GLY B 272 -6.35 -10.75 -2.85
N GLY B 273 -5.88 -11.77 -3.56
CA GLY B 273 -6.56 -13.08 -3.52
C GLY B 273 -7.16 -13.53 -4.81
N LEU B 274 -7.90 -14.63 -4.76
CA LEU B 274 -8.47 -15.24 -5.94
C LEU B 274 -9.58 -14.41 -6.53
N THR B 275 -10.37 -13.71 -5.69
CA THR B 275 -11.52 -12.98 -6.26
C THR B 275 -11.02 -11.80 -7.10
N ARG B 276 -10.08 -11.06 -6.57
CA ARG B 276 -9.48 -9.98 -7.32
C ARG B 276 -8.73 -10.53 -8.51
N ALA B 277 -8.06 -11.69 -8.35
CA ALA B 277 -7.19 -12.21 -9.48
C ALA B 277 -8.06 -12.62 -10.65
N ARG B 278 -9.24 -13.11 -10.32
CA ARG B 278 -10.11 -13.62 -11.36
C ARG B 278 -10.68 -12.49 -12.20
N GLN B 279 -11.00 -11.38 -11.53
CA GLN B 279 -11.50 -10.21 -12.22
C GLN B 279 -10.39 -9.73 -13.17
N ILE B 280 -9.13 -9.71 -12.71
CA ILE B 280 -8.01 -9.32 -13.59
C ILE B 280 -7.84 -10.28 -14.76
N ARG B 281 -7.86 -11.58 -14.45
CA ARG B 281 -7.75 -12.60 -15.48
C ARG B 281 -8.82 -12.42 -16.57
N ASP B 282 -10.10 -12.22 -16.16
CA ASP B 282 -11.14 -12.05 -17.16
C ASP B 282 -10.89 -10.79 -18.01
N PHE B 283 -10.38 -9.73 -17.37
CA PHE B 283 -10.14 -8.51 -18.07
C PHE B 283 -9.00 -8.80 -19.08
N GLY B 284 -7.96 -9.52 -18.64
CA GLY B 284 -6.83 -9.85 -19.57
C GLY B 284 -7.33 -10.66 -20.76
N VAL B 285 -8.19 -11.62 -20.56
CA VAL B 285 -8.72 -12.34 -21.71
C VAL B 285 -9.49 -11.38 -22.66
N SER B 286 -10.26 -10.45 -22.11
CA SER B 286 -11.09 -9.58 -22.92
C SER B 286 -10.24 -8.61 -23.75
N VAL B 287 -9.09 -8.16 -23.23
CA VAL B 287 -8.18 -7.29 -24.05
C VAL B 287 -7.03 -8.00 -24.76
N GLY B 288 -7.03 -9.33 -24.77
CA GLY B 288 -6.00 -10.08 -25.53
C GLY B 288 -4.63 -10.22 -24.85
N TRP B 289 -4.56 -9.99 -23.54
CA TRP B 289 -3.32 -10.16 -22.85
C TRP B 289 -2.97 -11.67 -22.77
N GLN B 290 -1.71 -11.96 -22.59
CA GLN B 290 -1.27 -13.32 -22.22
C GLN B 290 -0.76 -13.18 -20.84
N MET B 291 -0.93 -14.21 -20.01
CA MET B 291 -0.69 -14.03 -18.59
C MET B 291 0.07 -15.20 -17.93
N HIS B 292 0.91 -14.89 -16.96
CA HIS B 292 1.47 -15.93 -16.12
C HIS B 292 0.70 -15.82 -14.83
N ILE B 293 0.09 -16.92 -14.41
CA ILE B 293 -0.70 -16.89 -13.22
C ILE B 293 -0.04 -17.85 -12.24
N GLU B 294 0.39 -17.31 -11.11
CA GLU B 294 1.23 -17.99 -10.14
C GLU B 294 1.21 -17.13 -8.86
N ASP B 295 1.73 -17.65 -7.74
CA ASP B 295 1.86 -16.80 -6.61
C ASP B 295 3.27 -16.25 -6.43
N VAL B 296 3.40 -15.38 -5.43
CA VAL B 296 4.60 -14.67 -5.12
C VAL B 296 5.69 -15.56 -4.51
N GLY B 297 5.30 -16.60 -3.79
CA GLY B 297 6.22 -17.48 -3.12
C GLY B 297 5.40 -18.34 -2.22
N GLY B 298 6.02 -19.34 -1.61
CA GLY B 298 5.37 -20.10 -0.53
C GLY B 298 5.30 -21.55 -0.88
N THR B 299 4.39 -22.26 -0.23
CA THR B 299 4.34 -23.70 -0.34
C THR B 299 3.38 -24.09 -1.44
N ALA B 300 3.18 -25.39 -1.62
CA ALA B 300 2.32 -25.83 -2.67
C ALA B 300 0.86 -25.45 -2.43
N LEU B 301 0.52 -24.97 -1.25
CA LEU B 301 -0.84 -24.50 -0.98
C LEU B 301 -1.07 -23.19 -1.84
N ALA B 302 -0.24 -22.15 -1.66
CA ALA B 302 -0.28 -20.97 -2.53
C ALA B 302 -0.16 -21.34 -4.01
N ASP B 303 0.76 -22.25 -4.39
CA ASP B 303 0.88 -22.63 -5.81
C ASP B 303 -0.38 -23.24 -6.32
N THR B 304 -1.05 -24.04 -5.49
CA THR B 304 -2.28 -24.70 -5.90
C THR B 304 -3.40 -23.72 -6.19
N ALA B 305 -3.60 -22.76 -5.29
CA ALA B 305 -4.65 -21.75 -5.53
C ALA B 305 -4.36 -21.07 -6.85
N ALA B 306 -3.11 -20.66 -7.08
CA ALA B 306 -2.87 -19.94 -8.32
C ALA B 306 -3.17 -20.83 -9.52
N LEU B 307 -2.85 -22.12 -9.36
CA LEU B 307 -2.89 -23.04 -10.45
C LEU B 307 -4.31 -23.34 -10.90
N HIS B 308 -5.22 -23.36 -9.94
CA HIS B 308 -6.64 -23.47 -10.29
C HIS B 308 -7.06 -22.34 -11.22
N LEU B 309 -6.54 -21.14 -11.00
CA LEU B 309 -6.92 -20.00 -11.84
C LEU B 309 -6.16 -20.11 -13.14
N ALA B 310 -4.88 -20.52 -13.10
CA ALA B 310 -4.12 -20.73 -14.35
C ALA B 310 -4.78 -21.80 -15.28
N ALA B 311 -5.09 -22.96 -14.72
CA ALA B 311 -5.73 -24.06 -15.47
C ALA B 311 -7.08 -23.68 -16.12
N SER B 312 -7.81 -22.76 -15.49
CA SER B 312 -9.14 -22.34 -16.01
C SER B 312 -9.06 -21.17 -16.99
N THR B 313 -7.86 -20.70 -17.32
CA THR B 313 -7.66 -19.62 -18.30
C THR B 313 -7.60 -20.20 -19.72
N PRO B 314 -8.24 -19.55 -20.70
CA PRO B 314 -8.11 -20.01 -22.10
C PRO B 314 -6.64 -20.19 -22.50
N GLU B 315 -6.38 -21.29 -23.19
CA GLU B 315 -5.06 -21.64 -23.62
C GLU B 315 -4.40 -20.47 -24.40
N ALA B 316 -5.11 -19.82 -25.32
CA ALA B 316 -4.52 -18.65 -26.02
C ALA B 316 -3.92 -17.58 -25.09
N ASN B 317 -4.40 -17.48 -23.85
CA ASN B 317 -3.98 -16.38 -23.01
C ASN B 317 -3.07 -16.86 -21.93
N ARG B 318 -2.84 -18.16 -21.82
CA ARG B 318 -2.13 -18.65 -20.64
C ARG B 318 -0.69 -19.02 -20.97
N LEU B 319 0.24 -18.42 -20.27
CA LEU B 319 1.65 -18.80 -20.37
C LEU B 319 1.98 -19.69 -19.15
N ALA B 320 3.24 -20.13 -19.04
CA ALA B 320 3.66 -21.05 -17.98
C ALA B 320 3.52 -20.44 -16.61
N SER B 321 3.38 -21.29 -15.61
CA SER B 321 3.37 -20.84 -14.20
C SER B 321 4.64 -21.26 -13.46
N TRP B 322 5.00 -20.46 -12.49
CA TRP B 322 6.08 -20.75 -11.66
C TRP B 322 5.54 -21.40 -10.41
N LEU B 323 6.27 -22.37 -9.88
CA LEU B 323 5.86 -23.04 -8.66
C LEU B 323 6.86 -22.61 -7.64
N GLY B 324 6.41 -21.89 -6.63
CA GLY B 324 7.36 -21.33 -5.66
C GLY B 324 7.99 -22.42 -4.78
N HIS B 325 7.23 -23.47 -4.50
CA HIS B 325 7.68 -24.52 -3.59
C HIS B 325 8.91 -25.28 -4.11
N ALA B 326 9.20 -25.22 -5.40
CA ALA B 326 10.41 -25.77 -6.01
C ALA B 326 11.69 -25.21 -5.37
N HIS B 327 11.56 -24.02 -4.78
CA HIS B 327 12.70 -23.30 -4.26
C HIS B 327 12.94 -23.51 -2.81
N LEU B 328 12.04 -24.24 -2.15
CA LEU B 328 12.08 -24.48 -0.71
C LEU B 328 12.82 -25.75 -0.36
N ALA B 329 13.60 -25.66 0.69
CA ALA B 329 14.20 -26.83 1.29
C ALA B 329 13.12 -27.80 1.82
N ASP B 330 12.09 -27.27 2.50
CA ASP B 330 11.10 -28.13 3.20
C ASP B 330 9.75 -28.25 2.50
N ASP B 331 8.92 -29.13 3.04
CA ASP B 331 7.53 -29.22 2.66
C ASP B 331 6.66 -29.55 3.85
N PRO B 332 5.70 -28.66 4.22
CA PRO B 332 4.77 -28.89 5.32
C PRO B 332 3.52 -29.67 4.89
N ILE B 333 3.33 -29.78 3.58
CA ILE B 333 2.14 -30.41 3.07
C ILE B 333 2.49 -31.47 2.04
N PRO B 334 3.45 -32.40 2.39
CA PRO B 334 4.02 -33.33 1.42
C PRO B 334 2.91 -34.12 0.80
N GLY B 335 2.98 -34.32 -0.51
CA GLY B 335 2.02 -35.18 -1.20
C GLY B 335 0.71 -34.53 -1.65
N GLN B 336 0.61 -33.21 -1.42
CA GLN B 336 -0.57 -32.43 -1.71
C GLN B 336 -0.29 -31.27 -2.70
N GLY B 337 -1.31 -30.87 -3.44
CA GLY B 337 -1.19 -29.77 -4.37
C GLY B 337 -0.64 -30.07 -5.75
N ALA B 338 -0.72 -29.07 -6.60
CA ALA B 338 -0.13 -29.19 -7.92
C ALA B 338 1.38 -29.29 -7.79
N ARG B 339 1.95 -30.31 -8.43
CA ARG B 339 3.38 -30.57 -8.39
C ARG B 339 3.91 -30.74 -9.80
N ASN B 340 5.18 -30.47 -10.01
CA ASN B 340 5.81 -30.66 -11.31
C ASN B 340 5.94 -32.14 -11.67
N ARG B 341 5.42 -32.52 -12.83
CA ARG B 341 5.48 -33.89 -13.39
C ARG B 341 5.79 -33.67 -14.86
N ASP B 342 7.08 -33.75 -15.21
CA ASP B 342 7.57 -33.64 -16.59
C ASP B 342 7.33 -32.23 -17.20
N GLY B 343 7.46 -31.19 -16.37
CA GLY B 343 7.24 -29.78 -16.75
C GLY B 343 5.78 -29.34 -16.82
N LEU B 344 4.88 -30.05 -16.14
CA LEU B 344 3.44 -29.75 -16.15
C LEU B 344 2.92 -29.97 -14.76
N ALA B 345 1.97 -29.14 -14.37
CA ALA B 345 1.30 -29.27 -13.12
C ALA B 345 -0.20 -29.19 -13.34
N THR B 346 -0.87 -30.21 -12.80
CA THR B 346 -2.33 -30.41 -12.88
C THR B 346 -2.92 -30.04 -11.54
N PRO B 347 -3.92 -29.15 -11.50
CA PRO B 347 -4.52 -28.84 -10.20
C PRO B 347 -5.41 -30.00 -9.82
N PRO B 348 -5.67 -30.19 -8.49
CA PRO B 348 -6.55 -31.27 -7.99
C PRO B 348 -7.98 -31.06 -8.44
N SER B 349 -8.77 -32.12 -8.36
CA SER B 349 -10.15 -32.16 -8.83
C SER B 349 -11.17 -32.40 -7.69
N ALA B 350 -10.66 -32.47 -6.48
CA ALA B 350 -11.49 -32.62 -5.29
C ALA B 350 -12.17 -31.30 -5.05
N PRO B 351 -13.29 -31.29 -4.30
CA PRO B 351 -14.01 -30.01 -4.04
C PRO B 351 -13.13 -29.00 -3.29
N GLY B 352 -13.31 -27.69 -3.57
CA GLY B 352 -12.46 -26.70 -2.91
C GLY B 352 -11.02 -26.62 -3.42
N LEU B 353 -10.12 -26.22 -2.56
CA LEU B 353 -8.68 -26.11 -2.90
C LEU B 353 -8.03 -27.43 -3.24
N GLY B 354 -8.38 -28.49 -2.52
CA GLY B 354 -7.81 -29.80 -2.77
C GLY B 354 -6.54 -30.04 -1.99
N VAL B 355 -6.23 -29.17 -1.01
CA VAL B 355 -5.17 -29.46 -0.06
C VAL B 355 -5.62 -29.14 1.33
N ILE B 356 -5.26 -30.05 2.23
CA ILE B 356 -5.62 -30.02 3.65
C ILE B 356 -4.31 -30.14 4.47
N PRO B 357 -3.83 -29.02 5.03
CA PRO B 357 -2.65 -29.10 5.87
C PRO B 357 -2.98 -29.86 7.14
N ASP B 358 -2.01 -30.63 7.63
CA ASP B 358 -2.13 -31.23 8.94
C ASP B 358 -1.50 -30.26 9.95
N PRO B 359 -2.29 -29.77 10.95
CA PRO B 359 -1.77 -28.77 11.91
C PRO B 359 -0.56 -29.25 12.71
N GLU B 360 -0.46 -30.57 12.88
CA GLU B 360 0.70 -31.19 13.54
C GLU B 360 2.00 -30.95 12.77
N ALA B 361 1.91 -30.87 11.44
CA ALA B 361 3.09 -30.59 10.63
C ALA B 361 3.46 -29.13 10.72
N LEU B 362 2.56 -28.30 11.23
CA LEU B 362 2.75 -26.85 11.07
C LEU B 362 3.43 -26.19 12.24
N GLY B 363 3.24 -26.75 13.42
CA GLY B 363 3.64 -26.07 14.63
C GLY B 363 2.45 -25.58 15.43
N ARG B 364 2.75 -24.91 16.54
CA ARG B 364 1.71 -24.41 17.41
C ARG B 364 1.25 -23.05 16.90
N PRO B 365 -0.07 -22.85 16.84
CA PRO B 365 -0.66 -21.63 16.29
C PRO B 365 -0.02 -20.43 16.93
N VAL B 366 0.32 -19.40 16.16
CA VAL B 366 0.82 -18.18 16.79
C VAL B 366 -0.30 -17.20 17.18
N ALA B 367 -1.54 -17.45 16.74
CA ALA B 367 -2.71 -16.62 17.10
C ALA B 367 -3.97 -17.34 16.67
N SER B 368 -5.09 -16.96 17.27
CA SER B 368 -6.37 -17.66 17.12
C SER B 368 -7.48 -16.69 17.46
N TYR B 369 -8.54 -16.61 16.65
CA TYR B 369 -9.62 -15.69 16.96
C TYR B 369 -10.97 -16.41 16.91
N ASP B 370 -11.76 -16.32 17.97
CA ASP B 370 -13.11 -16.95 18.14
C ASP B 370 -14.12 -15.86 18.40
N GLU B 371 -15.42 -16.17 18.34
CA GLU B 371 -16.43 -15.18 18.84
C GLU B 371 -17.11 -15.47 20.20
MG MG C . -10.11 14.53 2.52
MG MG D . 8.46 -10.26 -12.25
#